data_7CWD
#
_entry.id   7CWD
#
_cell.length_a   159.499
_cell.length_b   159.499
_cell.length_c   96.326
_cell.angle_alpha   90.000
_cell.angle_beta   90.000
_cell.angle_gamma   120.000
#
_symmetry.space_group_name_H-M   'P 32 2 1'
#
loop_
_entity.id
_entity.type
_entity.pdbx_description
1 polymer beta-glalactosidase
2 non-polymer alpha-D-glucopyranose
3 non-polymer beta-D-galactopyranose
4 water water
#
_entity_poly.entity_id   1
_entity_poly.type   'polypeptide(L)'
_entity_poly.pdbx_seq_one_letter_code
;MRRINFNDNWRFQREISTSLREAQKPSFNDHSWRQLSLPHDWSIELDFNKDSLATHEGGYLDGGVGWYRKTFTVPSAMEG
KRISLDFDGVYMNSTTYLNGEELGTYPFGYNAFSYDITDKLFMDGRENVLAVKVDNTQPSSRWYSGSGIYRNVYLTVTNP
VHVARYGTFVTTPDLESAYAARKAEVNIKTKINNDSDAAVQVKVKSTIYDTDGKEVASVVSQEKTAAAGTTAHFEDNTVI
ENPELWSLDNPYRYKLVTDVLIGGETVDTYETRFGARFFKFDANEGFSLNGKPMKLYGVSMHHDLGALGAATNARAVERQ
LQIMKDMGVNAIRGTHNPVSPEFLEAVNNLGLLLIEEAFDCWSQSKKTYDYGRFFTRWAEHDVKEMVDRGKNEPSIIMWS
IGNEIYDTTSPSGVETARNLVRWIKEIDTTRPTTIGEDKTRGDKVNVTPIDPNILEIFHTVDVVGLNYSENNYVGYHEQH
PNWKLYGSETSSATRSRGVYTHPYEYNLGTKYDDLQQSSYDNDYVPWGRTAEDAWKSDRDLKHFAGQFIWTGFDYIGEPT
PYYDSYPAKSSYFGAVDTAGFPKDIFYYYQSQWKKEPMVHLLPHWNWTEGEPVRVLAYTNAHQVELFLNGKSLGVRGYEN
KKTSWGAPYKETKDGKTYLEWAVPFKAGTLEAVAMDENGKEIARDQVTTAGAPAAVKLTADRKVIKADGTDLSFITAEIV
DSKGNVVPNADHLIQFHLSGHGELAGVDNGDAASVERYKDNKRKAFSGKALAIVQSNKLDGNITLHASAEGLSSGNVTIF
TTASADQLEHHHHHH
;
_entity_poly.pdbx_strand_id   A
#
loop_
_chem_comp.id
_chem_comp.type
_chem_comp.name
_chem_comp.formula
GAL D-saccharide, beta linking beta-D-galactopyranose 'C6 H12 O6'
GLC D-saccharide, alpha linking alpha-D-glucopyranose 'C6 H12 O6'
#
# COMPACT_ATOMS: atom_id res chain seq x y z
N MET A 1 -6.36 -18.33 23.62
CA MET A 1 -5.50 -17.76 22.56
C MET A 1 -4.63 -16.67 23.19
N ARG A 2 -3.40 -16.51 22.73
CA ARG A 2 -2.50 -15.41 23.20
C ARG A 2 -3.01 -14.04 22.68
N ARG A 3 -3.65 -13.97 21.49
CA ARG A 3 -4.20 -12.69 20.97
C ARG A 3 -5.66 -12.88 20.57
N ILE A 4 -6.54 -12.02 21.10
CA ILE A 4 -8.02 -12.07 20.94
C ILE A 4 -8.43 -10.93 20.01
N ASN A 5 -9.27 -11.22 19.00
CA ASN A 5 -9.92 -10.19 18.13
C ASN A 5 -10.85 -9.36 19.02
N PHE A 6 -10.65 -8.06 19.11
CA PHE A 6 -11.43 -7.18 20.01
C PHE A 6 -12.27 -6.20 19.17
N ASN A 7 -12.57 -6.55 17.91
CA ASN A 7 -13.26 -5.68 16.90
C ASN A 7 -14.76 -5.56 17.16
N ASP A 8 -15.38 -6.49 17.88
CA ASP A 8 -16.87 -6.58 17.87
C ASP A 8 -17.43 -5.71 19.00
N ASN A 9 -18.69 -5.30 18.85
CA ASN A 9 -19.55 -4.82 19.96
C ASN A 9 -19.08 -3.45 20.42
N TRP A 10 -18.77 -2.57 19.48
CA TRP A 10 -18.46 -1.16 19.80
C TRP A 10 -19.68 -0.29 19.52
N ARG A 11 -19.63 0.91 20.08
CA ARG A 11 -20.57 2.01 19.86
C ARG A 11 -19.77 3.21 19.38
N PHE A 12 -20.35 4.00 18.47
CA PHE A 12 -19.63 5.15 17.87
C PHE A 12 -20.59 6.33 17.75
N GLN A 13 -20.08 7.54 17.98
CA GLN A 13 -20.79 8.78 17.60
C GLN A 13 -19.76 9.88 17.30
N ARG A 14 -20.03 10.65 16.25
CA ARG A 14 -19.30 11.88 15.97
C ARG A 14 -19.76 12.95 16.95
N GLU A 15 -18.84 13.79 17.41
CA GLU A 15 -19.13 15.04 18.11
C GLU A 15 -19.52 16.09 17.05
N ILE A 16 -20.76 16.60 17.09
CA ILE A 16 -21.28 17.61 16.11
C ILE A 16 -21.78 18.84 16.88
N SER A 17 -22.99 18.77 17.41
CA SER A 17 -23.77 19.91 17.95
C SER A 17 -23.42 20.14 19.41
N THR A 18 -23.17 19.08 20.17
CA THR A 18 -22.99 19.17 21.64
C THR A 18 -21.79 18.29 22.06
N SER A 19 -21.11 18.73 23.10
CA SER A 19 -19.82 18.15 23.54
C SER A 19 -20.04 16.70 23.95
N LEU A 20 -19.12 15.81 23.60
CA LEU A 20 -19.16 14.40 24.08
C LEU A 20 -18.07 14.19 25.13
N ARG A 21 -17.56 15.24 25.77
CA ARG A 21 -16.45 15.06 26.76
C ARG A 21 -16.91 14.03 27.82
N GLU A 22 -18.18 14.06 28.22
CA GLU A 22 -18.75 13.13 29.24
C GLU A 22 -18.61 11.67 28.80
N ALA A 23 -18.26 11.37 27.56
CA ALA A 23 -18.31 9.98 27.04
C ALA A 23 -17.15 9.14 27.60
N GLN A 24 -16.21 9.75 28.31
CA GLN A 24 -15.15 8.99 29.02
C GLN A 24 -15.76 8.27 30.23
N LYS A 25 -16.81 8.83 30.83
CA LYS A 25 -17.38 8.27 32.10
C LYS A 25 -18.07 6.94 31.82
N PRO A 26 -17.81 5.90 32.65
CA PRO A 26 -18.54 4.63 32.51
C PRO A 26 -20.05 4.87 32.50
N SER A 27 -20.55 5.80 33.30
CA SER A 27 -22.00 6.03 33.54
C SER A 27 -22.68 6.74 32.37
N PHE A 28 -21.93 7.40 31.50
CA PHE A 28 -22.48 8.10 30.32
C PHE A 28 -23.45 7.15 29.63
N ASN A 29 -24.56 7.69 29.12
CA ASN A 29 -25.64 6.93 28.44
C ASN A 29 -25.37 6.88 26.93
N ASP A 30 -24.87 5.75 26.41
CA ASP A 30 -24.55 5.57 24.98
C ASP A 30 -25.60 4.66 24.34
N HIS A 31 -26.78 4.51 24.94
CA HIS A 31 -27.76 3.49 24.49
C HIS A 31 -28.31 3.88 23.10
N SER A 32 -28.35 5.18 22.78
CA SER A 32 -28.85 5.67 21.47
C SER A 32 -27.73 5.66 20.41
N TRP A 33 -26.49 5.29 20.75
CA TRP A 33 -25.34 5.37 19.81
C TRP A 33 -25.40 4.22 18.83
N ARG A 34 -24.91 4.49 17.62
CA ARG A 34 -24.70 3.48 16.56
C ARG A 34 -23.87 2.30 17.09
N GLN A 35 -24.26 1.08 16.75
CA GLN A 35 -23.54 -0.18 17.08
C GLN A 35 -22.77 -0.66 15.87
N LEU A 36 -21.48 -0.95 15.99
CA LEU A 36 -20.64 -1.41 14.84
C LEU A 36 -19.46 -2.29 15.32
N SER A 37 -18.84 -2.94 14.36
CA SER A 37 -17.56 -3.67 14.45
C SER A 37 -16.47 -2.81 13.82
N LEU A 38 -15.25 -2.97 14.28
CA LEU A 38 -14.04 -2.34 13.73
C LEU A 38 -13.49 -3.34 12.73
N PRO A 39 -12.63 -2.96 11.78
CA PRO A 39 -12.21 -1.57 11.64
C PRO A 39 -13.27 -0.65 11.03
N HIS A 40 -13.08 0.64 11.24
CA HIS A 40 -14.08 1.68 10.92
C HIS A 40 -13.37 2.97 10.51
N ASP A 41 -13.83 3.54 9.41
CA ASP A 41 -13.40 4.87 8.91
C ASP A 41 -14.66 5.69 8.81
N TRP A 42 -14.86 6.65 9.70
CA TRP A 42 -16.15 7.40 9.73
C TRP A 42 -16.21 8.43 8.58
N SER A 43 -15.08 8.85 8.03
CA SER A 43 -15.02 9.88 6.96
C SER A 43 -15.66 9.35 5.66
N ILE A 44 -15.38 8.08 5.31
CA ILE A 44 -15.77 7.45 4.01
C ILE A 44 -17.29 7.23 3.97
N GLU A 45 -17.98 7.30 5.09
CA GLU A 45 -19.44 7.11 5.17
C GLU A 45 -20.17 8.42 4.90
N LEU A 46 -19.45 9.55 4.92
CA LEU A 46 -20.09 10.89 4.83
C LEU A 46 -20.20 11.30 3.38
N ASP A 47 -21.15 12.20 3.13
CA ASP A 47 -21.31 12.86 1.82
C ASP A 47 -20.09 13.76 1.60
N PHE A 48 -19.66 13.93 0.36
CA PHE A 48 -18.63 14.94 0.03
C PHE A 48 -19.16 16.33 0.41
N ASN A 49 -18.27 17.13 0.95
CA ASN A 49 -18.55 18.50 1.46
C ASN A 49 -17.57 19.47 0.82
N LYS A 50 -18.04 20.23 -0.16
CA LYS A 50 -17.16 21.21 -0.86
C LYS A 50 -16.58 22.21 0.14
N ASP A 51 -17.23 22.43 1.29
CA ASP A 51 -16.74 23.38 2.33
C ASP A 51 -15.89 22.66 3.37
N SER A 52 -15.46 21.42 3.14
CA SER A 52 -14.78 20.63 4.21
C SER A 52 -13.46 21.29 4.58
N LEU A 53 -13.15 21.30 5.88
CA LEU A 53 -11.81 21.75 6.33
C LEU A 53 -10.72 20.85 5.73
N ALA A 54 -11.03 19.63 5.26
CA ALA A 54 -10.06 18.73 4.58
C ALA A 54 -9.63 19.27 3.23
N THR A 55 -10.40 20.20 2.66
CA THR A 55 -10.25 20.73 1.29
C THR A 55 -10.10 19.60 0.26
N HIS A 56 -9.71 19.94 -0.95
CA HIS A 56 -9.43 18.95 -2.01
C HIS A 56 -8.34 17.96 -1.56
N GLU A 57 -7.40 18.43 -0.74
CA GLU A 57 -6.19 17.67 -0.35
C GLU A 57 -6.62 16.37 0.34
N GLY A 58 -7.61 16.46 1.24
CA GLY A 58 -8.19 15.33 2.02
C GLY A 58 -9.46 14.78 1.38
N GLY A 59 -9.71 15.09 0.12
CA GLY A 59 -10.84 14.51 -0.64
C GLY A 59 -12.20 15.01 -0.21
N TYR A 60 -12.28 16.20 0.38
CA TYR A 60 -13.57 16.84 0.76
C TYR A 60 -14.44 15.95 1.64
N LEU A 61 -13.79 15.13 2.50
CA LEU A 61 -14.51 14.31 3.50
C LEU A 61 -14.14 14.77 4.90
N ASP A 62 -15.15 15.03 5.70
CA ASP A 62 -14.98 15.61 7.04
C ASP A 62 -14.37 14.57 7.98
N GLY A 63 -13.54 15.06 8.89
CA GLY A 63 -13.04 14.30 10.05
C GLY A 63 -13.66 14.85 11.33
N GLY A 64 -12.92 15.68 12.05
CA GLY A 64 -13.35 16.23 13.36
C GLY A 64 -13.16 15.23 14.48
N VAL A 65 -13.97 15.37 15.52
CA VAL A 65 -13.87 14.54 16.75
C VAL A 65 -14.93 13.44 16.64
N GLY A 66 -14.55 12.25 17.06
CA GLY A 66 -15.44 11.09 17.18
C GLY A 66 -15.06 10.26 18.38
N TRP A 67 -16.04 9.55 18.95
CA TRP A 67 -15.85 8.70 20.16
C TRP A 67 -16.30 7.29 19.88
N TYR A 68 -15.50 6.31 20.32
CA TYR A 68 -15.85 4.87 20.41
C TYR A 68 -15.97 4.47 21.89
N ARG A 69 -16.98 3.65 22.21
CA ARG A 69 -17.16 3.04 23.55
C ARG A 69 -17.45 1.55 23.40
N LYS A 70 -16.93 0.76 24.32
CA LYS A 70 -17.19 -0.69 24.37
C LYS A 70 -17.31 -1.09 25.84
N THR A 71 -18.43 -1.73 26.14
CA THR A 71 -18.81 -2.21 27.49
C THR A 71 -18.63 -3.72 27.46
N PHE A 72 -17.81 -4.30 28.33
CA PHE A 72 -17.48 -5.73 28.26
C PHE A 72 -17.14 -6.25 29.66
N THR A 73 -17.15 -7.57 29.78
CA THR A 73 -16.78 -8.30 31.00
C THR A 73 -15.53 -9.10 30.66
N VAL A 74 -14.74 -9.37 31.66
CA VAL A 74 -13.52 -10.21 31.53
C VAL A 74 -13.82 -11.60 32.07
N PRO A 75 -13.59 -12.67 31.29
CA PRO A 75 -13.79 -14.04 31.75
C PRO A 75 -12.92 -14.36 32.97
N SER A 76 -13.41 -15.28 33.82
CA SER A 76 -12.76 -15.74 35.08
C SER A 76 -11.40 -16.37 34.76
N ALA A 77 -11.31 -17.03 33.60
CA ALA A 77 -10.15 -17.79 33.07
C ALA A 77 -9.01 -16.85 32.65
N MET A 78 -9.13 -15.54 32.90
CA MET A 78 -8.08 -14.54 32.61
C MET A 78 -7.55 -13.88 33.90
N GLU A 79 -7.97 -14.30 35.09
CA GLU A 79 -7.45 -13.71 36.36
C GLU A 79 -5.97 -14.11 36.50
N GLY A 80 -5.13 -13.17 36.95
CA GLY A 80 -3.66 -13.33 37.05
C GLY A 80 -2.94 -13.37 35.70
N LYS A 81 -3.63 -13.16 34.56
CA LYS A 81 -2.95 -12.95 33.25
C LYS A 81 -2.55 -11.49 33.07
N ARG A 82 -1.52 -11.24 32.29
CA ARG A 82 -1.20 -9.88 31.76
C ARG A 82 -2.13 -9.67 30.56
N ILE A 83 -2.86 -8.57 30.54
CA ILE A 83 -3.74 -8.17 29.41
C ILE A 83 -3.30 -6.78 28.93
N SER A 84 -3.02 -6.66 27.64
CA SER A 84 -2.81 -5.39 26.92
C SER A 84 -3.94 -5.16 25.89
N LEU A 85 -4.38 -3.92 25.77
CA LEU A 85 -5.24 -3.47 24.65
C LEU A 85 -4.31 -2.97 23.54
N ASP A 86 -4.37 -3.60 22.38
CA ASP A 86 -3.49 -3.33 21.21
C ASP A 86 -4.33 -2.71 20.07
N PHE A 87 -4.03 -1.49 19.70
CA PHE A 87 -4.51 -0.85 18.45
C PHE A 87 -3.46 -1.01 17.36
N ASP A 88 -3.84 -1.51 16.19
CA ASP A 88 -2.97 -1.51 14.99
C ASP A 88 -2.85 -0.07 14.45
N GLY A 89 -3.78 0.84 14.76
CA GLY A 89 -3.73 2.21 14.23
C GLY A 89 -5.04 2.94 14.39
N VAL A 90 -4.98 4.19 14.84
CA VAL A 90 -6.12 5.11 15.02
C VAL A 90 -5.74 6.46 14.41
N TYR A 91 -6.47 6.95 13.40
CA TYR A 91 -6.19 8.27 12.81
C TYR A 91 -7.19 9.29 13.34
N MET A 92 -6.77 10.25 14.17
CA MET A 92 -5.45 10.40 14.75
C MET A 92 -5.64 11.07 16.11
N ASN A 93 -4.55 11.37 16.83
CA ASN A 93 -4.55 12.11 18.10
C ASN A 93 -5.64 11.55 19.04
N SER A 94 -5.56 10.28 19.39
CA SER A 94 -6.59 9.58 20.18
C SER A 94 -6.29 9.70 21.66
N THR A 95 -7.32 9.63 22.50
CA THR A 95 -7.16 9.50 23.97
C THR A 95 -8.02 8.31 24.39
N THR A 96 -7.41 7.35 25.05
CA THR A 96 -8.09 6.11 25.51
C THR A 96 -8.31 6.19 27.03
N TYR A 97 -9.51 5.80 27.45
CA TYR A 97 -9.95 5.78 28.86
C TYR A 97 -10.49 4.39 29.18
N LEU A 98 -10.19 3.85 30.36
CA LEU A 98 -10.78 2.57 30.86
C LEU A 98 -11.37 2.84 32.24
N ASN A 99 -12.66 2.60 32.39
CA ASN A 99 -13.35 2.73 33.70
C ASN A 99 -13.12 4.16 34.20
N GLY A 100 -13.25 5.13 33.31
CA GLY A 100 -13.12 6.56 33.59
C GLY A 100 -11.69 7.03 33.78
N GLU A 101 -10.64 6.20 33.64
CA GLU A 101 -9.23 6.63 33.87
C GLU A 101 -8.48 6.68 32.52
N GLU A 102 -7.76 7.76 32.28
CA GLU A 102 -7.00 7.93 31.02
C GLU A 102 -5.90 6.86 30.96
N LEU A 103 -5.86 6.02 29.93
CA LEU A 103 -4.69 5.13 29.71
C LEU A 103 -3.58 5.88 29.00
N GLY A 104 -3.90 6.86 28.16
CA GLY A 104 -2.87 7.57 27.39
C GLY A 104 -3.45 8.32 26.20
N THR A 105 -2.57 9.03 25.51
CA THR A 105 -2.89 9.78 24.29
C THR A 105 -1.87 9.33 23.24
N TYR A 106 -2.30 9.11 22.00
CA TYR A 106 -1.41 8.68 20.90
C TYR A 106 -1.59 9.57 19.69
N PRO A 107 -0.68 10.54 19.49
CA PRO A 107 -0.80 11.47 18.37
C PRO A 107 -0.79 10.84 16.97
N PHE A 108 0.24 10.05 16.64
CA PHE A 108 0.54 9.54 15.28
C PHE A 108 -0.58 8.61 14.80
N GLY A 109 -1.01 8.77 13.56
CA GLY A 109 -2.20 8.08 13.01
C GLY A 109 -1.88 6.74 12.36
N TYR A 110 -0.60 6.37 12.23
CA TYR A 110 -0.20 5.26 11.32
C TYR A 110 0.65 4.22 12.05
N ASN A 111 0.75 4.27 13.37
CA ASN A 111 1.49 3.23 14.14
C ASN A 111 0.54 2.52 15.09
N ALA A 112 0.88 1.27 15.39
CA ALA A 112 0.27 0.49 16.47
C ALA A 112 0.70 1.11 17.80
N PHE A 113 -0.12 0.92 18.80
CA PHE A 113 0.20 1.28 20.18
C PHE A 113 -0.60 0.34 21.09
N SER A 114 -0.13 0.23 22.33
CA SER A 114 -0.57 -0.80 23.30
C SER A 114 -0.61 -0.22 24.70
N TYR A 115 -1.63 -0.56 25.49
CA TYR A 115 -1.75 -0.12 26.88
C TYR A 115 -1.89 -1.37 27.72
N ASP A 116 -1.15 -1.46 28.81
CA ASP A 116 -1.27 -2.57 29.78
C ASP A 116 -2.50 -2.25 30.64
N ILE A 117 -3.48 -3.12 30.67
CA ILE A 117 -4.73 -2.80 31.44
C ILE A 117 -4.93 -3.89 32.51
N THR A 118 -3.92 -4.72 32.76
CA THR A 118 -3.98 -5.83 33.74
C THR A 118 -4.59 -5.36 35.07
N ASP A 119 -4.07 -4.29 35.64
CA ASP A 119 -4.44 -3.85 37.01
C ASP A 119 -5.61 -2.87 36.95
N LYS A 120 -6.27 -2.68 35.80
CA LYS A 120 -7.28 -1.61 35.66
C LYS A 120 -8.64 -2.23 35.33
N LEU A 121 -8.64 -3.45 34.82
CA LEU A 121 -9.85 -4.19 34.48
C LEU A 121 -10.57 -4.55 35.78
N PHE A 122 -11.91 -4.55 35.76
CA PHE A 122 -12.75 -5.27 36.73
C PHE A 122 -12.89 -6.72 36.25
N MET A 123 -12.39 -7.68 37.05
CA MET A 123 -12.24 -9.12 36.66
C MET A 123 -13.43 -9.97 37.09
N ASP A 124 -14.33 -9.44 37.93
CA ASP A 124 -15.35 -10.22 38.66
C ASP A 124 -16.57 -10.44 37.79
N GLY A 125 -16.43 -10.40 36.46
CA GLY A 125 -17.56 -10.26 35.53
C GLY A 125 -18.31 -8.95 35.73
N ARG A 126 -17.74 -7.94 36.41
CA ARG A 126 -18.34 -6.58 36.45
C ARG A 126 -18.04 -5.90 35.11
N GLU A 127 -18.86 -4.89 34.77
CA GLU A 127 -18.83 -4.18 33.47
C GLU A 127 -17.59 -3.30 33.46
N ASN A 128 -16.81 -3.41 32.38
CA ASN A 128 -15.68 -2.50 32.05
C ASN A 128 -16.13 -1.53 30.94
N VAL A 129 -15.78 -0.24 31.02
CA VAL A 129 -16.13 0.73 29.94
C VAL A 129 -14.84 1.34 29.37
N LEU A 130 -14.60 0.99 28.11
CA LEU A 130 -13.50 1.49 27.27
C LEU A 130 -14.03 2.63 26.41
N ALA A 131 -13.41 3.82 26.48
CA ALA A 131 -13.78 5.02 25.69
C ALA A 131 -12.56 5.53 24.94
N VAL A 132 -12.68 5.72 23.62
CA VAL A 132 -11.58 6.25 22.74
C VAL A 132 -12.12 7.52 22.09
N LYS A 133 -11.48 8.64 22.40
CA LYS A 133 -11.67 9.92 21.68
C LYS A 133 -10.67 9.95 20.53
N VAL A 134 -11.17 10.16 19.33
CA VAL A 134 -10.35 10.30 18.10
C VAL A 134 -10.50 11.74 17.65
N ASP A 135 -9.37 12.41 17.49
CA ASP A 135 -9.38 13.85 17.19
C ASP A 135 -8.69 14.06 15.86
N ASN A 136 -9.43 13.97 14.76
CA ASN A 136 -8.89 14.32 13.44
C ASN A 136 -9.41 15.74 13.10
N THR A 137 -9.01 16.73 13.88
CA THR A 137 -9.26 18.15 13.56
C THR A 137 -8.47 18.42 12.28
N GLN A 138 -9.11 19.05 11.30
CA GLN A 138 -8.56 19.17 9.92
C GLN A 138 -8.24 20.64 9.73
N PRO A 139 -7.34 21.00 8.81
CA PRO A 139 -6.62 20.04 7.98
C PRO A 139 -5.41 19.38 8.64
N SER A 140 -5.28 18.06 8.46
CA SER A 140 -4.19 17.25 9.08
C SER A 140 -3.36 16.51 8.02
N SER A 141 -3.74 16.55 6.75
CA SER A 141 -3.24 15.57 5.76
C SER A 141 -3.20 16.15 4.34
N ARG A 142 -2.17 15.78 3.58
CA ARG A 142 -2.00 16.23 2.17
C ARG A 142 -2.77 15.27 1.24
N TRP A 143 -3.22 14.13 1.78
CA TRP A 143 -4.01 13.09 1.07
C TRP A 143 -5.16 12.68 1.99
N TYR A 144 -6.09 11.86 1.51
CA TYR A 144 -7.21 11.30 2.33
C TYR A 144 -6.66 10.39 3.43
N SER A 145 -6.88 10.78 4.69
CA SER A 145 -6.43 10.03 5.89
C SER A 145 -7.46 8.96 6.28
N GLY A 146 -8.73 9.31 6.19
CA GLY A 146 -9.76 8.65 7.00
C GLY A 146 -9.75 9.18 8.41
N SER A 147 -10.73 8.74 9.22
CA SER A 147 -10.86 9.14 10.63
C SER A 147 -11.37 7.92 11.42
N GLY A 148 -10.72 7.60 12.54
CA GLY A 148 -11.25 6.59 13.48
C GLY A 148 -10.31 5.43 13.63
N ILE A 149 -10.87 4.34 14.16
CA ILE A 149 -10.14 3.07 14.47
C ILE A 149 -10.20 2.24 13.19
N TYR A 150 -9.32 2.60 12.27
CA TYR A 150 -9.36 2.17 10.86
C TYR A 150 -8.52 0.92 10.71
N ARG A 151 -7.77 0.50 11.75
CA ARG A 151 -7.09 -0.83 11.76
C ARG A 151 -7.63 -1.69 12.91
N ASN A 152 -7.28 -2.99 12.88
CA ASN A 152 -7.75 -4.03 13.84
C ASN A 152 -7.38 -3.65 15.29
N VAL A 153 -8.15 -4.18 16.24
CA VAL A 153 -7.92 -4.01 17.69
C VAL A 153 -7.92 -5.42 18.30
N TYR A 154 -6.99 -5.64 19.23
CA TYR A 154 -6.73 -6.96 19.87
C TYR A 154 -6.59 -6.77 21.37
N LEU A 155 -6.81 -7.88 22.11
CA LEU A 155 -6.25 -8.09 23.47
C LEU A 155 -5.10 -9.07 23.35
N THR A 156 -3.99 -8.78 24.03
CA THR A 156 -2.84 -9.74 24.17
C THR A 156 -2.92 -10.22 25.63
N VAL A 157 -3.01 -11.54 25.81
CA VAL A 157 -3.24 -12.26 27.10
C VAL A 157 -2.09 -13.24 27.31
N THR A 158 -1.26 -13.03 28.32
CA THR A 158 -0.09 -13.88 28.60
C THR A 158 0.00 -14.07 30.12
N ASN A 159 0.83 -15.05 30.49
CA ASN A 159 1.34 -15.29 31.87
C ASN A 159 2.24 -14.12 32.28
N PRO A 160 2.47 -13.89 33.59
CA PRO A 160 3.26 -12.74 34.05
C PRO A 160 4.66 -12.68 33.42
N VAL A 161 5.22 -13.81 33.01
CA VAL A 161 6.56 -13.85 32.38
C VAL A 161 6.36 -14.29 30.95
N HIS A 162 6.78 -13.47 29.98
CA HIS A 162 6.29 -13.60 28.57
C HIS A 162 7.27 -12.97 27.60
N VAL A 163 7.25 -13.42 26.36
CA VAL A 163 7.98 -12.71 25.29
C VAL A 163 7.36 -11.31 25.19
N ALA A 164 8.24 -10.32 25.11
CA ALA A 164 7.85 -8.90 25.07
C ALA A 164 7.08 -8.65 23.76
N ARG A 165 6.36 -7.54 23.69
CA ARG A 165 5.80 -7.00 22.42
C ARG A 165 6.99 -6.84 21.47
N TYR A 166 6.90 -7.36 20.26
CA TYR A 166 7.98 -7.41 19.25
C TYR A 166 9.25 -8.04 19.87
N GLY A 167 9.06 -9.05 20.72
CA GLY A 167 10.14 -9.58 21.58
C GLY A 167 11.16 -10.47 20.87
N THR A 168 11.00 -10.76 19.59
CA THR A 168 11.99 -11.57 18.85
C THR A 168 12.59 -10.76 17.71
N PHE A 169 13.84 -11.07 17.39
CA PHE A 169 14.56 -10.50 16.23
C PHE A 169 15.37 -11.61 15.60
N VAL A 170 14.85 -12.14 14.49
CA VAL A 170 15.45 -13.27 13.72
C VAL A 170 16.18 -12.71 12.52
N THR A 171 17.48 -12.97 12.44
CA THR A 171 18.34 -12.48 11.35
C THR A 171 19.09 -13.67 10.74
N THR A 172 19.63 -13.43 9.55
CA THR A 172 20.46 -14.40 8.82
C THR A 172 21.77 -13.70 8.46
N PRO A 173 22.66 -13.43 9.44
CA PRO A 173 23.95 -12.81 9.13
C PRO A 173 24.75 -13.64 8.13
N ASP A 174 25.37 -12.93 7.19
CA ASP A 174 26.32 -13.44 6.16
C ASP A 174 25.66 -14.56 5.37
N LEU A 175 24.37 -14.42 5.07
CA LEU A 175 23.55 -15.47 4.40
C LEU A 175 24.17 -15.84 3.05
N GLU A 176 24.75 -14.90 2.30
CA GLU A 176 25.32 -15.24 0.98
C GLU A 176 26.34 -16.38 1.20
N SER A 177 27.32 -16.14 2.08
CA SER A 177 28.42 -17.09 2.44
C SER A 177 27.85 -18.42 2.87
N ALA A 178 26.96 -18.41 3.87
CA ALA A 178 26.31 -19.62 4.42
C ALA A 178 25.58 -20.39 3.32
N TYR A 179 24.84 -19.69 2.47
CA TYR A 179 24.03 -20.31 1.40
C TYR A 179 24.95 -21.05 0.41
N ALA A 180 26.11 -20.47 0.09
CA ALA A 180 27.14 -21.10 -0.77
C ALA A 180 27.66 -22.40 -0.11
N ALA A 181 27.51 -22.55 1.20
CA ALA A 181 27.84 -23.78 1.94
C ALA A 181 26.55 -24.50 2.34
N ARG A 182 25.45 -24.19 1.66
CA ARG A 182 24.17 -24.93 1.75
C ARG A 182 23.56 -24.81 3.16
N LYS A 183 23.73 -23.67 3.82
CA LYS A 183 22.99 -23.39 5.07
C LYS A 183 22.51 -21.93 5.15
N ALA A 184 21.66 -21.66 6.11
CA ALA A 184 21.38 -20.30 6.63
C ALA A 184 21.76 -20.30 8.10
N GLU A 185 22.70 -19.43 8.51
CA GLU A 185 22.98 -19.18 9.95
C GLU A 185 21.89 -18.21 10.42
N VAL A 186 21.14 -18.60 11.46
CA VAL A 186 19.99 -17.87 12.03
C VAL A 186 20.37 -17.38 13.43
N ASN A 187 20.45 -16.07 13.59
CA ASN A 187 20.72 -15.38 14.88
C ASN A 187 19.39 -15.01 15.49
N ILE A 188 19.10 -15.43 16.71
CA ILE A 188 17.81 -15.12 17.38
C ILE A 188 18.07 -14.34 18.68
N LYS A 189 17.51 -13.14 18.77
CA LYS A 189 17.56 -12.28 19.97
C LYS A 189 16.15 -12.20 20.53
N THR A 190 15.99 -12.57 21.79
CA THR A 190 14.67 -12.73 22.43
C THR A 190 14.63 -11.86 23.68
N LYS A 191 13.55 -11.10 23.83
CA LYS A 191 13.31 -10.25 25.02
C LYS A 191 12.20 -10.90 25.82
N ILE A 192 12.49 -11.18 27.10
CA ILE A 192 11.50 -11.78 28.03
C ILE A 192 11.20 -10.73 29.08
N ASN A 193 9.95 -10.33 29.23
CA ASN A 193 9.52 -9.41 30.30
C ASN A 193 9.10 -10.26 31.50
N ASN A 194 9.55 -9.88 32.69
CA ASN A 194 9.00 -10.42 33.96
C ASN A 194 8.10 -9.33 34.52
N ASP A 195 6.79 -9.45 34.30
CA ASP A 195 5.80 -8.50 34.84
C ASP A 195 5.25 -9.04 36.17
N SER A 196 5.79 -10.14 36.72
CA SER A 196 5.39 -10.61 38.07
C SER A 196 6.04 -9.70 39.10
N ASP A 197 5.75 -9.94 40.39
CA ASP A 197 6.32 -9.11 41.48
C ASP A 197 7.59 -9.79 42.07
N ALA A 198 8.16 -10.81 41.45
CA ALA A 198 9.31 -11.55 42.01
C ALA A 198 10.23 -11.95 40.88
N ALA A 199 11.54 -11.87 41.10
CA ALA A 199 12.57 -12.30 40.12
C ALA A 199 12.33 -13.77 39.78
N VAL A 200 12.73 -14.15 38.56
CA VAL A 200 12.72 -15.58 38.13
C VAL A 200 14.02 -15.88 37.38
N GLN A 201 14.28 -17.17 37.21
CA GLN A 201 15.33 -17.70 36.31
C GLN A 201 14.60 -18.24 35.09
N VAL A 202 15.05 -17.85 33.90
CA VAL A 202 14.32 -18.12 32.63
C VAL A 202 15.30 -18.63 31.59
N LYS A 203 14.82 -19.56 30.79
CA LYS A 203 15.50 -20.11 29.58
C LYS A 203 14.56 -19.85 28.39
N VAL A 204 15.12 -19.80 27.20
CA VAL A 204 14.30 -19.69 25.97
C VAL A 204 14.61 -20.87 25.05
N LYS A 205 13.57 -21.63 24.67
CA LYS A 205 13.69 -22.59 23.55
C LYS A 205 13.14 -21.98 22.26
N SER A 206 14.01 -21.96 21.27
CA SER A 206 13.76 -21.52 19.90
C SER A 206 13.72 -22.74 18.99
N THR A 207 12.56 -23.02 18.39
CA THR A 207 12.38 -24.10 17.39
C THR A 207 11.95 -23.51 16.05
N ILE A 208 12.68 -23.83 14.97
CA ILE A 208 12.31 -23.39 13.59
C ILE A 208 11.60 -24.54 12.86
N TYR A 209 10.41 -24.23 12.31
CA TYR A 209 9.60 -25.09 11.41
C TYR A 209 9.55 -24.51 10.00
N ASP A 210 9.48 -25.40 9.00
CA ASP A 210 9.33 -25.09 7.55
C ASP A 210 7.84 -24.92 7.26
N THR A 211 7.43 -24.56 6.04
CA THR A 211 6.02 -24.15 5.79
C THR A 211 5.09 -25.34 5.99
N ASP A 212 5.60 -26.56 5.82
CA ASP A 212 4.83 -27.81 6.06
C ASP A 212 4.70 -28.08 7.56
N GLY A 213 5.51 -27.43 8.40
CA GLY A 213 5.54 -27.64 9.86
C GLY A 213 6.48 -28.77 10.28
N LYS A 214 7.48 -29.10 9.47
CA LYS A 214 8.57 -30.03 9.87
C LYS A 214 9.62 -29.20 10.62
N GLU A 215 10.03 -29.64 11.83
CA GLU A 215 11.14 -29.00 12.59
C GLU A 215 12.40 -29.04 11.73
N VAL A 216 13.14 -27.92 11.62
CA VAL A 216 14.40 -27.87 10.82
C VAL A 216 15.60 -27.40 11.65
N ALA A 217 15.39 -26.93 12.88
CA ALA A 217 16.48 -26.46 13.78
C ALA A 217 15.86 -26.19 15.14
N SER A 218 16.68 -26.20 16.19
CA SER A 218 16.25 -25.78 17.55
C SER A 218 17.49 -25.42 18.35
N VAL A 219 17.30 -24.67 19.43
CA VAL A 219 18.41 -24.23 20.31
C VAL A 219 17.77 -23.74 21.61
N VAL A 220 18.37 -24.12 22.74
CA VAL A 220 17.97 -23.68 24.10
C VAL A 220 19.05 -22.69 24.55
N SER A 221 18.62 -21.56 25.10
CA SER A 221 19.53 -20.53 25.66
C SER A 221 20.06 -21.02 27.00
N GLN A 222 21.10 -20.32 27.46
CA GLN A 222 21.52 -20.29 28.88
C GLN A 222 20.37 -19.71 29.72
N GLU A 223 20.40 -20.02 31.00
CA GLU A 223 19.44 -19.53 32.01
C GLU A 223 19.88 -18.12 32.35
N LYS A 224 18.96 -17.19 32.57
CA LYS A 224 19.31 -15.82 32.99
C LYS A 224 18.28 -15.36 34.00
N THR A 225 18.68 -14.41 34.83
CA THR A 225 17.81 -13.79 35.86
C THR A 225 16.90 -12.80 35.14
N ALA A 226 15.62 -12.77 35.46
CA ALA A 226 14.76 -11.63 35.08
C ALA A 226 14.18 -11.08 36.38
N ALA A 227 14.74 -9.96 36.86
CA ALA A 227 14.25 -9.25 38.07
C ALA A 227 12.79 -8.83 37.86
N ALA A 228 12.05 -8.65 38.93
CA ALA A 228 10.66 -8.16 38.90
C ALA A 228 10.61 -6.86 38.08
N GLY A 229 9.74 -6.74 37.08
CA GLY A 229 9.54 -5.51 36.30
C GLY A 229 10.64 -5.23 35.29
N THR A 230 11.44 -6.22 34.89
CA THR A 230 12.58 -5.96 34.00
C THR A 230 12.51 -6.93 32.83
N THR A 231 13.33 -6.68 31.84
CA THR A 231 13.46 -7.48 30.61
C THR A 231 14.80 -8.22 30.65
N ALA A 232 14.80 -9.54 30.46
CA ALA A 232 16.03 -10.32 30.21
C ALA A 232 16.22 -10.43 28.69
N HIS A 233 17.47 -10.42 28.22
CA HIS A 233 17.86 -10.44 26.78
C HIS A 233 18.60 -11.75 26.52
N PHE A 234 18.22 -12.50 25.47
CA PHE A 234 18.86 -13.78 25.11
C PHE A 234 19.36 -13.68 23.67
N GLU A 235 20.42 -14.40 23.32
CA GLU A 235 20.93 -14.44 21.93
C GLU A 235 21.42 -15.87 21.68
N ASP A 236 20.85 -16.56 20.69
CA ASP A 236 21.08 -18.00 20.40
C ASP A 236 21.35 -18.05 18.91
N ASN A 237 22.20 -18.96 18.45
CA ASN A 237 22.47 -19.19 17.00
C ASN A 237 22.04 -20.62 16.66
N THR A 238 21.54 -20.85 15.45
CA THR A 238 21.19 -22.18 14.93
C THR A 238 21.40 -22.14 13.42
N VAL A 239 21.10 -23.25 12.77
CA VAL A 239 21.42 -23.48 11.33
C VAL A 239 20.20 -24.14 10.70
N ILE A 240 19.79 -23.64 9.54
CA ILE A 240 18.86 -24.33 8.60
C ILE A 240 19.75 -24.96 7.52
N GLU A 241 19.73 -26.30 7.43
CA GLU A 241 20.44 -27.06 6.37
C GLU A 241 19.61 -26.89 5.09
N ASN A 242 20.27 -26.58 3.98
CA ASN A 242 19.68 -26.49 2.61
C ASN A 242 18.48 -25.53 2.66
N PRO A 243 18.70 -24.26 3.03
CA PRO A 243 17.58 -23.36 3.29
C PRO A 243 16.82 -23.05 2.00
N GLU A 244 15.52 -22.84 2.15
CA GLU A 244 14.64 -22.24 1.11
C GLU A 244 14.65 -20.71 1.27
N LEU A 245 15.25 -19.97 0.33
CA LEU A 245 15.39 -18.49 0.38
C LEU A 245 14.04 -17.79 0.09
N TRP A 246 13.75 -16.69 0.77
CA TRP A 246 12.60 -15.83 0.38
C TRP A 246 13.01 -15.05 -0.88
N SER A 247 12.24 -15.18 -1.96
CA SER A 247 12.47 -14.43 -3.22
C SER A 247 11.12 -13.98 -3.82
N LEU A 248 11.19 -13.17 -4.86
CA LEU A 248 9.99 -12.62 -5.57
C LEU A 248 9.14 -13.76 -6.13
N ASP A 249 9.80 -14.75 -6.76
CA ASP A 249 9.18 -15.96 -7.36
C ASP A 249 8.77 -16.97 -6.27
N ASN A 250 9.43 -16.99 -5.10
CA ASN A 250 9.25 -18.05 -4.09
C ASN A 250 9.30 -17.39 -2.71
N PRO A 251 8.22 -16.71 -2.28
CA PRO A 251 8.22 -15.96 -1.02
C PRO A 251 8.03 -16.84 0.22
N TYR A 252 8.98 -17.77 0.40
CA TYR A 252 9.00 -18.84 1.42
C TYR A 252 9.34 -18.26 2.79
N ARG A 253 8.52 -18.56 3.80
CA ARG A 253 8.71 -18.12 5.21
C ARG A 253 8.70 -19.34 6.13
N TYR A 254 9.72 -19.43 6.99
CA TYR A 254 9.83 -20.32 8.16
C TYR A 254 9.05 -19.71 9.30
N LYS A 255 8.77 -20.53 10.32
CA LYS A 255 8.12 -20.08 11.59
C LYS A 255 9.02 -20.44 12.78
N LEU A 256 9.39 -19.42 13.56
CA LEU A 256 10.03 -19.57 14.89
C LEU A 256 8.94 -19.71 15.94
N VAL A 257 9.01 -20.78 16.73
CA VAL A 257 8.22 -20.93 17.98
C VAL A 257 9.19 -20.75 19.16
N THR A 258 8.89 -19.76 20.00
CA THR A 258 9.69 -19.40 21.18
C THR A 258 8.94 -19.96 22.39
N ASP A 259 9.59 -20.84 23.17
CA ASP A 259 9.02 -21.34 24.47
C ASP A 259 9.81 -20.67 25.60
N VAL A 260 9.10 -20.05 26.54
CA VAL A 260 9.66 -19.42 27.76
C VAL A 260 9.58 -20.45 28.90
N LEU A 261 10.74 -20.86 29.40
CA LEU A 261 10.88 -21.99 30.35
C LEU A 261 11.29 -21.43 31.71
N ILE A 262 10.52 -21.73 32.74
CA ILE A 262 10.84 -21.48 34.16
C ILE A 262 10.76 -22.85 34.85
N GLY A 263 11.92 -23.33 35.33
CA GLY A 263 12.07 -24.64 36.00
C GLY A 263 11.53 -25.77 35.14
N GLY A 264 11.88 -25.79 33.85
CA GLY A 264 11.44 -26.85 32.93
C GLY A 264 9.99 -26.71 32.47
N GLU A 265 9.20 -25.77 33.00
CA GLU A 265 7.77 -25.58 32.61
C GLU A 265 7.63 -24.43 31.60
N THR A 266 6.88 -24.67 30.53
CA THR A 266 6.57 -23.66 29.50
C THR A 266 5.55 -22.67 30.08
N VAL A 267 5.92 -21.40 30.23
CA VAL A 267 4.97 -20.39 30.78
C VAL A 267 4.50 -19.45 29.65
N ASP A 268 5.15 -19.47 28.48
CA ASP A 268 4.70 -18.66 27.33
C ASP A 268 5.19 -19.31 26.05
N THR A 269 4.41 -19.18 24.99
CA THR A 269 4.78 -19.55 23.60
C THR A 269 4.39 -18.40 22.66
N TYR A 270 5.21 -18.16 21.64
CA TYR A 270 5.17 -16.95 20.79
C TYR A 270 5.76 -17.34 19.45
N GLU A 271 5.08 -16.96 18.35
CA GLU A 271 5.45 -17.38 16.98
C GLU A 271 6.01 -16.16 16.24
N THR A 272 7.05 -16.36 15.44
CA THR A 272 7.60 -15.33 14.55
C THR A 272 7.82 -15.92 13.15
N ARG A 273 7.13 -15.40 12.14
CA ARG A 273 7.37 -15.77 10.73
C ARG A 273 8.52 -14.89 10.26
N PHE A 274 9.39 -15.46 9.45
CA PHE A 274 10.57 -14.77 8.95
C PHE A 274 10.95 -15.49 7.68
N GLY A 275 11.80 -14.83 6.93
CA GLY A 275 12.34 -15.37 5.69
C GLY A 275 13.83 -15.24 5.70
N ALA A 276 14.49 -16.10 4.94
CA ALA A 276 15.94 -16.06 4.76
C ALA A 276 16.21 -15.43 3.40
N ARG A 277 16.77 -14.23 3.38
CA ARG A 277 17.07 -13.54 2.11
C ARG A 277 18.16 -12.53 2.38
N PHE A 278 19.02 -12.28 1.42
CA PHE A 278 20.03 -11.20 1.50
C PHE A 278 19.82 -10.26 0.31
N PHE A 279 20.35 -9.04 0.39
CA PHE A 279 20.21 -8.06 -0.70
C PHE A 279 21.29 -7.03 -0.55
N LYS A 280 21.49 -6.24 -1.59
CA LYS A 280 22.57 -5.25 -1.56
C LYS A 280 22.19 -4.10 -2.49
N PHE A 281 22.34 -2.87 -2.01
CA PHE A 281 22.48 -1.69 -2.87
C PHE A 281 23.95 -1.45 -3.12
N ASP A 282 24.34 -1.40 -4.39
CA ASP A 282 25.71 -1.19 -4.84
C ASP A 282 25.79 0.16 -5.57
N ALA A 283 26.76 0.96 -5.19
CA ALA A 283 26.99 2.31 -5.74
C ALA A 283 27.16 2.27 -7.28
N ASN A 284 27.73 1.18 -7.86
CA ASN A 284 27.96 1.11 -9.33
C ASN A 284 27.02 0.12 -10.00
N GLU A 285 26.59 -0.95 -9.33
CA GLU A 285 25.86 -2.09 -9.99
C GLU A 285 24.35 -2.00 -9.70
N GLY A 286 23.94 -1.12 -8.79
CA GLY A 286 22.53 -1.03 -8.42
C GLY A 286 22.13 -2.15 -7.47
N PHE A 287 20.91 -2.63 -7.59
CA PHE A 287 20.30 -3.52 -6.57
C PHE A 287 20.43 -4.98 -7.03
N SER A 288 20.47 -5.87 -6.04
CA SER A 288 20.44 -7.34 -6.20
C SER A 288 19.68 -7.91 -5.01
N LEU A 289 18.92 -8.98 -5.22
CA LEU A 289 18.26 -9.75 -4.16
C LEU A 289 18.80 -11.20 -4.24
N ASN A 290 19.27 -11.72 -3.11
CA ASN A 290 19.91 -13.06 -3.02
C ASN A 290 20.91 -13.21 -4.19
N GLY A 291 21.70 -12.19 -4.49
CA GLY A 291 22.75 -12.25 -5.53
C GLY A 291 22.21 -12.08 -6.95
N LYS A 292 20.91 -11.94 -7.16
CA LYS A 292 20.34 -11.73 -8.53
C LYS A 292 20.21 -10.23 -8.82
N PRO A 293 20.97 -9.64 -9.77
CA PRO A 293 20.83 -8.23 -10.12
C PRO A 293 19.45 -8.00 -10.72
N MET A 294 18.86 -6.84 -10.41
CA MET A 294 17.52 -6.48 -10.94
C MET A 294 17.31 -5.00 -10.69
N LYS A 295 16.48 -4.35 -11.49
CA LYS A 295 16.03 -2.97 -11.20
C LYS A 295 14.89 -3.06 -10.19
N LEU A 296 14.76 -2.06 -9.33
CA LEU A 296 13.51 -1.87 -8.55
C LEU A 296 12.45 -1.28 -9.49
N TYR A 297 11.47 -2.11 -9.83
CA TYR A 297 10.25 -1.71 -10.60
C TYR A 297 9.21 -1.35 -9.57
N GLY A 298 9.23 -0.09 -9.12
CA GLY A 298 8.51 0.24 -7.88
C GLY A 298 7.29 1.11 -8.09
N VAL A 299 6.37 1.08 -7.15
CA VAL A 299 5.25 2.04 -7.13
C VAL A 299 5.15 2.59 -5.72
N SER A 300 4.59 3.79 -5.63
CA SER A 300 4.14 4.40 -4.36
C SER A 300 2.69 4.00 -4.16
N MET A 301 2.28 3.75 -2.92
CA MET A 301 0.91 3.33 -2.56
C MET A 301 0.51 4.08 -1.29
N HIS A 302 -0.65 4.73 -1.33
CA HIS A 302 -1.28 5.32 -0.12
C HIS A 302 -2.09 4.19 0.53
N HIS A 303 -2.54 4.45 1.76
CA HIS A 303 -3.14 3.46 2.67
C HIS A 303 -4.63 3.23 2.39
N ASP A 304 -5.33 4.14 1.70
CA ASP A 304 -6.78 3.92 1.48
C ASP A 304 -6.98 2.72 0.51
N LEU A 305 -8.17 2.13 0.64
CA LEU A 305 -8.63 0.96 -0.14
C LEU A 305 -9.86 1.35 -0.98
N GLY A 306 -9.90 2.59 -1.48
CA GLY A 306 -10.97 3.10 -2.35
C GLY A 306 -12.26 3.21 -1.60
N ALA A 307 -13.30 2.47 -1.99
CA ALA A 307 -14.66 2.63 -1.46
C ALA A 307 -14.69 2.17 0.01
N LEU A 308 -13.68 1.43 0.45
CA LEU A 308 -13.55 1.01 1.86
C LEU A 308 -12.98 2.17 2.69
N GLY A 309 -12.46 3.22 2.05
CA GLY A 309 -11.66 4.24 2.72
C GLY A 309 -10.41 3.64 3.36
N ALA A 310 -10.13 4.08 4.58
CA ALA A 310 -8.93 3.68 5.36
C ALA A 310 -9.17 2.34 6.08
N ALA A 311 -10.42 1.90 6.26
CA ALA A 311 -10.73 0.69 7.06
C ALA A 311 -10.02 -0.53 6.42
N THR A 312 -9.02 -1.07 7.12
CA THR A 312 -8.12 -2.11 6.55
C THR A 312 -8.92 -3.37 6.20
N ASN A 313 -8.48 -4.05 5.17
CA ASN A 313 -9.10 -5.32 4.71
C ASN A 313 -8.04 -6.15 4.01
N ALA A 314 -7.80 -7.38 4.49
CA ALA A 314 -6.71 -8.27 4.00
C ALA A 314 -6.92 -8.55 2.49
N ARG A 315 -8.13 -8.92 2.09
CA ARG A 315 -8.38 -9.24 0.66
C ARG A 315 -8.17 -7.97 -0.21
N ALA A 316 -8.71 -6.85 0.22
CA ALA A 316 -8.69 -5.61 -0.60
C ALA A 316 -7.23 -5.19 -0.84
N VAL A 317 -6.39 -5.19 0.21
CA VAL A 317 -4.98 -4.73 0.03
C VAL A 317 -4.22 -5.81 -0.74
N GLU A 318 -4.53 -7.09 -0.47
CA GLU A 318 -3.91 -8.17 -1.27
C GLU A 318 -4.27 -7.97 -2.76
N ARG A 319 -5.54 -7.67 -3.08
CA ARG A 319 -5.97 -7.44 -4.50
C ARG A 319 -5.17 -6.26 -5.11
N GLN A 320 -5.03 -5.15 -4.40
CA GLN A 320 -4.20 -4.00 -4.90
C GLN A 320 -2.79 -4.47 -5.29
N LEU A 321 -2.17 -5.24 -4.41
CA LEU A 321 -0.75 -5.62 -4.58
C LEU A 321 -0.63 -6.72 -5.63
N GLN A 322 -1.63 -7.61 -5.79
CA GLN A 322 -1.72 -8.59 -6.91
CA GLN A 322 -1.59 -8.59 -6.92
C GLN A 322 -1.72 -7.82 -8.23
N ILE A 323 -2.55 -6.79 -8.30
CA ILE A 323 -2.67 -6.00 -9.57
C ILE A 323 -1.33 -5.33 -9.84
N MET A 324 -0.66 -4.80 -8.81
CA MET A 324 0.67 -4.19 -9.05
C MET A 324 1.66 -5.25 -9.53
N LYS A 325 1.68 -6.44 -8.92
CA LYS A 325 2.61 -7.54 -9.33
C LYS A 325 2.31 -7.89 -10.80
N ASP A 326 1.02 -7.95 -11.18
CA ASP A 326 0.60 -8.20 -12.59
C ASP A 326 1.16 -7.11 -13.51
N MET A 327 1.33 -5.85 -13.05
CA MET A 327 1.88 -4.77 -13.91
C MET A 327 3.38 -4.98 -14.10
N GLY A 328 4.01 -5.87 -13.31
CA GLY A 328 5.46 -6.13 -13.40
C GLY A 328 6.24 -5.50 -12.25
N VAL A 329 5.54 -4.97 -11.25
CA VAL A 329 6.13 -4.29 -10.05
C VAL A 329 6.84 -5.39 -9.21
N ASN A 330 7.98 -5.07 -8.62
CA ASN A 330 8.72 -5.94 -7.66
C ASN A 330 8.94 -5.23 -6.33
N ALA A 331 8.56 -3.94 -6.21
CA ALA A 331 8.88 -3.13 -5.02
C ALA A 331 7.82 -2.06 -4.76
N ILE A 332 7.55 -1.78 -3.50
CA ILE A 332 6.55 -0.79 -3.03
C ILE A 332 7.26 0.20 -2.12
N ARG A 333 6.83 1.46 -2.13
CA ARG A 333 7.20 2.49 -1.13
C ARG A 333 5.92 2.88 -0.40
N GLY A 334 5.89 2.64 0.89
CA GLY A 334 4.77 2.93 1.80
C GLY A 334 4.71 4.42 2.01
N THR A 335 4.30 5.15 0.97
CA THR A 335 4.20 6.64 0.98
C THR A 335 3.00 7.04 1.82
N HIS A 336 3.14 7.83 2.90
CA HIS A 336 4.38 8.26 3.53
C HIS A 336 4.26 7.99 5.02
N ASN A 337 4.15 6.71 5.37
CA ASN A 337 3.68 6.30 6.71
C ASN A 337 3.77 4.78 6.76
N PRO A 338 3.97 4.19 7.96
CA PRO A 338 3.96 2.74 8.09
C PRO A 338 2.65 2.18 7.53
N VAL A 339 2.77 1.02 6.87
CA VAL A 339 1.65 0.32 6.23
C VAL A 339 0.92 -0.50 7.32
N SER A 340 -0.22 -1.05 6.98
CA SER A 340 -1.03 -1.93 7.86
C SER A 340 -0.33 -3.29 7.99
N PRO A 341 -0.64 -4.10 9.02
CA PRO A 341 -0.15 -5.48 9.08
C PRO A 341 -0.72 -6.31 7.93
N GLU A 342 -1.91 -5.96 7.40
CA GLU A 342 -2.48 -6.68 6.25
C GLU A 342 -1.64 -6.41 5.02
N PHE A 343 -1.19 -5.17 4.84
CA PHE A 343 -0.27 -4.81 3.73
C PHE A 343 1.03 -5.65 3.82
N LEU A 344 1.67 -5.65 4.99
CA LEU A 344 2.90 -6.47 5.27
C LEU A 344 2.67 -7.94 4.87
N GLU A 345 1.59 -8.53 5.34
CA GLU A 345 1.27 -9.95 5.02
C GLU A 345 1.20 -10.11 3.49
N ALA A 346 0.56 -9.16 2.78
CA ALA A 346 0.42 -9.27 1.31
C ALA A 346 1.81 -9.23 0.66
N VAL A 347 2.70 -8.29 0.99
CA VAL A 347 4.02 -8.23 0.29
C VAL A 347 4.84 -9.48 0.70
N ASN A 348 4.66 -9.98 1.92
CA ASN A 348 5.43 -11.17 2.38
C ASN A 348 4.99 -12.37 1.56
N ASN A 349 3.67 -12.55 1.32
CA ASN A 349 3.08 -13.72 0.63
C ASN A 349 3.17 -13.56 -0.88
N LEU A 350 3.10 -12.34 -1.41
CA LEU A 350 3.07 -12.16 -2.88
C LEU A 350 4.47 -12.18 -3.43
N GLY A 351 5.48 -11.82 -2.63
CA GLY A 351 6.84 -11.62 -3.17
C GLY A 351 7.02 -10.20 -3.70
N LEU A 352 6.86 -9.20 -2.83
CA LEU A 352 7.16 -7.79 -3.16
C LEU A 352 8.07 -7.22 -2.11
N LEU A 353 9.06 -6.43 -2.54
CA LEU A 353 9.96 -5.65 -1.66
C LEU A 353 9.23 -4.39 -1.17
N LEU A 354 9.58 -3.90 0.01
CA LEU A 354 8.87 -2.75 0.63
C LEU A 354 9.91 -1.82 1.25
N ILE A 355 9.80 -0.53 0.94
CA ILE A 355 10.43 0.55 1.73
C ILE A 355 9.37 1.01 2.72
N GLU A 356 9.62 0.87 4.02
CA GLU A 356 8.73 1.43 5.06
C GLU A 356 9.19 2.85 5.34
N GLU A 357 8.25 3.82 5.34
CA GLU A 357 8.52 5.25 5.56
C GLU A 357 7.79 5.69 6.79
N ALA A 358 8.50 6.32 7.72
CA ALA A 358 7.95 6.76 8.99
C ALA A 358 7.17 8.08 8.78
N PHE A 359 7.73 9.06 8.08
CA PHE A 359 7.28 10.48 8.26
C PHE A 359 7.04 11.22 6.94
N ASP A 360 6.00 12.06 6.95
CA ASP A 360 5.69 13.02 5.86
C ASP A 360 6.12 14.41 6.29
N CYS A 361 6.50 14.58 7.56
CA CYS A 361 7.07 15.84 8.08
C CYS A 361 7.96 15.50 9.27
N TRP A 362 8.93 16.37 9.56
CA TRP A 362 9.63 16.34 10.87
C TRP A 362 8.98 17.45 11.72
N SER A 363 9.73 18.45 12.16
CA SER A 363 9.22 19.52 13.04
C SER A 363 8.33 20.47 12.23
N GLN A 364 8.77 20.87 11.04
CA GLN A 364 8.03 21.87 10.23
C GLN A 364 6.76 21.20 9.68
N SER A 365 5.58 21.71 10.03
CA SER A 365 4.27 21.21 9.57
C SER A 365 4.13 21.41 8.08
N LYS A 366 3.42 20.51 7.42
CA LYS A 366 2.91 20.73 6.04
C LYS A 366 1.45 21.16 6.11
N LYS A 367 0.71 20.68 7.11
CA LYS A 367 -0.71 21.03 7.36
C LYS A 367 -0.85 21.34 8.86
N THR A 368 -1.73 22.26 9.21
CA THR A 368 -1.90 22.78 10.58
C THR A 368 -1.85 21.65 11.60
N TYR A 369 -2.70 20.65 11.43
CA TYR A 369 -2.94 19.62 12.48
C TYR A 369 -2.22 18.31 12.16
N ASP A 370 -1.23 18.32 11.29
CA ASP A 370 -0.41 17.10 11.04
C ASP A 370 0.51 16.79 12.23
N TYR A 371 1.43 15.86 12.07
CA TYR A 371 2.25 15.28 13.15
C TYR A 371 3.37 16.26 13.56
N GLY A 372 3.70 17.22 12.70
CA GLY A 372 4.77 18.21 12.96
C GLY A 372 4.76 18.74 14.39
N ARG A 373 3.57 19.06 14.89
CA ARG A 373 3.36 19.63 16.25
C ARG A 373 3.71 18.63 17.34
N PHE A 374 3.87 17.34 17.03
CA PHE A 374 4.13 16.26 18.03
C PHE A 374 5.56 15.74 17.90
N PHE A 375 6.19 16.04 16.76
CA PHE A 375 7.43 15.38 16.26
C PHE A 375 8.58 15.49 17.29
N THR A 376 8.86 16.68 17.81
CA THR A 376 10.04 16.85 18.68
C THR A 376 9.88 15.97 19.92
N ARG A 377 8.68 15.69 20.42
CA ARG A 377 8.56 14.75 21.58
C ARG A 377 8.28 13.30 21.15
N TRP A 378 7.64 13.01 20.02
CA TRP A 378 7.19 11.62 19.79
C TRP A 378 8.04 10.92 18.70
N ALA A 379 8.91 11.63 17.96
CA ALA A 379 9.59 11.09 16.77
C ALA A 379 10.34 9.79 17.14
N GLU A 380 11.08 9.81 18.24
CA GLU A 380 11.94 8.67 18.64
C GLU A 380 11.05 7.45 18.91
N HIS A 381 9.95 7.63 19.63
CA HIS A 381 8.96 6.56 19.90
C HIS A 381 8.43 6.03 18.55
N ASP A 382 8.00 6.91 17.63
CA ASP A 382 7.26 6.46 16.40
C ASP A 382 8.24 5.79 15.44
N VAL A 383 9.48 6.28 15.31
CA VAL A 383 10.43 5.69 14.33
C VAL A 383 10.84 4.30 14.83
N LYS A 384 11.05 4.16 16.14
CA LYS A 384 11.44 2.83 16.74
C LYS A 384 10.24 1.89 16.69
N GLU A 385 9.01 2.42 16.80
CA GLU A 385 7.81 1.55 16.71
C GLU A 385 7.75 0.93 15.32
N MET A 386 7.97 1.72 14.27
CA MET A 386 7.95 1.24 12.88
C MET A 386 9.01 0.15 12.73
N VAL A 387 10.25 0.44 13.16
CA VAL A 387 11.40 -0.48 12.92
C VAL A 387 11.17 -1.77 13.75
N ASP A 388 10.78 -1.63 15.00
CA ASP A 388 10.53 -2.77 15.92
C ASP A 388 9.39 -3.68 15.40
N ARG A 389 8.34 -3.11 14.83
CA ARG A 389 7.16 -3.85 14.30
C ARG A 389 7.64 -4.75 13.16
N GLY A 390 8.46 -4.20 12.28
CA GLY A 390 8.70 -4.75 10.96
C GLY A 390 10.00 -5.53 10.81
N LYS A 391 10.89 -5.51 11.79
CA LYS A 391 12.30 -5.95 11.61
C LYS A 391 12.43 -7.43 11.21
N ASN A 392 11.40 -8.27 11.41
CA ASN A 392 11.44 -9.71 11.05
C ASN A 392 10.87 -9.95 9.64
N GLU A 393 10.37 -8.91 8.96
CA GLU A 393 9.64 -9.05 7.68
C GLU A 393 10.64 -9.10 6.52
N PRO A 394 10.66 -10.21 5.75
CA PRO A 394 11.60 -10.33 4.64
C PRO A 394 11.41 -9.33 3.49
N SER A 395 10.17 -8.90 3.30
CA SER A 395 9.77 -7.94 2.23
C SER A 395 10.43 -6.57 2.49
N ILE A 396 10.59 -6.17 3.74
CA ILE A 396 11.13 -4.82 4.04
C ILE A 396 12.62 -4.82 3.75
N ILE A 397 13.08 -3.92 2.89
CA ILE A 397 14.51 -3.81 2.50
C ILE A 397 15.10 -2.48 2.98
N MET A 398 14.29 -1.47 3.33
CA MET A 398 14.85 -0.14 3.67
C MET A 398 13.88 0.57 4.59
N TRP A 399 14.44 1.40 5.45
CA TRP A 399 13.71 2.33 6.33
C TRP A 399 13.94 3.74 5.81
N SER A 400 12.85 4.41 5.44
CA SER A 400 12.88 5.84 5.03
C SER A 400 12.58 6.75 6.22
N ILE A 401 13.47 7.72 6.47
CA ILE A 401 13.34 8.62 7.66
C ILE A 401 12.38 9.75 7.31
N GLY A 402 12.02 9.90 6.02
CA GLY A 402 11.07 10.94 5.62
C GLY A 402 10.93 11.13 4.14
N ASN A 403 9.84 11.82 3.78
CA ASN A 403 9.53 12.26 2.40
C ASN A 403 9.48 13.78 2.34
N GLU A 404 10.30 14.37 1.50
CA GLU A 404 10.20 15.80 1.12
C GLU A 404 10.11 16.62 2.40
N ILE A 405 11.10 16.49 3.26
CA ILE A 405 11.09 17.11 4.60
C ILE A 405 11.74 18.49 4.43
N TYR A 406 10.98 19.54 4.70
CA TYR A 406 11.45 20.94 4.59
C TYR A 406 12.70 21.17 5.45
N ASP A 407 12.80 20.47 6.60
CA ASP A 407 13.86 20.67 7.62
C ASP A 407 15.24 20.34 6.99
N THR A 408 15.29 19.56 5.93
CA THR A 408 16.60 19.03 5.45
C THR A 408 17.49 20.15 4.91
N THR A 409 16.99 21.39 4.74
CA THR A 409 17.83 22.57 4.35
C THR A 409 18.45 23.27 5.58
N SER A 410 18.16 22.86 6.81
CA SER A 410 18.57 23.56 8.06
C SER A 410 19.56 22.69 8.84
N PRO A 411 20.43 23.31 9.69
CA PRO A 411 21.28 22.55 10.62
C PRO A 411 20.46 21.74 11.62
N SER A 412 19.29 22.24 11.99
CA SER A 412 18.25 21.48 12.73
C SER A 412 17.86 20.17 12.01
N GLY A 413 17.68 20.20 10.70
CA GLY A 413 17.37 18.97 9.94
C GLY A 413 18.52 17.97 9.98
N VAL A 414 19.77 18.44 9.93
CA VAL A 414 20.95 17.56 10.04
C VAL A 414 20.91 16.83 11.40
N GLU A 415 20.66 17.53 12.50
CA GLU A 415 20.69 16.93 13.87
C GLU A 415 19.55 15.91 13.94
N THR A 416 18.35 16.28 13.45
CA THR A 416 17.20 15.33 13.35
C THR A 416 17.59 14.08 12.53
N ALA A 417 18.11 14.24 11.33
CA ALA A 417 18.52 13.10 10.49
C ALA A 417 19.43 12.16 11.29
N ARG A 418 20.49 12.70 11.92
CA ARG A 418 21.42 11.90 12.74
C ARG A 418 20.67 11.18 13.85
N ASN A 419 19.71 11.84 14.50
CA ASN A 419 18.95 11.22 15.61
C ASN A 419 18.16 10.03 15.02
N LEU A 420 17.44 10.26 13.92
CA LEU A 420 16.50 9.24 13.36
C LEU A 420 17.31 8.04 12.93
N VAL A 421 18.41 8.26 12.23
CA VAL A 421 19.23 7.11 11.79
C VAL A 421 19.79 6.36 13.02
N ARG A 422 20.19 7.07 14.07
CA ARG A 422 20.76 6.45 15.29
C ARG A 422 19.67 5.62 15.98
N TRP A 423 18.48 6.16 16.16
CA TRP A 423 17.32 5.46 16.79
C TRP A 423 16.93 4.19 16.01
N ILE A 424 16.95 4.28 14.68
CA ILE A 424 16.62 3.12 13.82
C ILE A 424 17.67 2.04 14.14
N LYS A 425 18.95 2.42 14.11
CA LYS A 425 20.10 1.47 14.24
C LYS A 425 20.19 0.87 15.65
N GLU A 426 19.58 1.47 16.66
CA GLU A 426 19.39 0.86 18.01
C GLU A 426 18.45 -0.35 17.91
N ILE A 427 17.60 -0.43 16.86
CA ILE A 427 16.58 -1.52 16.74
C ILE A 427 17.04 -2.53 15.70
N ASP A 428 17.65 -2.08 14.61
CA ASP A 428 17.95 -2.93 13.44
C ASP A 428 19.10 -2.30 12.67
N THR A 429 20.16 -3.07 12.39
CA THR A 429 21.33 -2.61 11.60
C THR A 429 21.39 -3.39 10.27
N THR A 430 20.39 -4.20 9.97
CA THR A 430 20.42 -5.12 8.82
C THR A 430 19.80 -4.49 7.57
N ARG A 431 19.21 -3.31 7.66
CA ARG A 431 18.59 -2.66 6.46
C ARG A 431 19.12 -1.24 6.32
N PRO A 432 19.40 -0.76 5.09
CA PRO A 432 19.80 0.62 4.92
C PRO A 432 18.71 1.61 5.37
N THR A 433 19.13 2.73 5.94
CA THR A 433 18.30 3.95 6.03
C THR A 433 18.33 4.70 4.69
N THR A 434 17.27 5.45 4.42
CA THR A 434 17.07 6.24 3.19
C THR A 434 16.22 7.47 3.50
N ILE A 435 16.13 8.36 2.53
CA ILE A 435 15.23 9.54 2.60
C ILE A 435 14.75 9.77 1.17
N GLY A 436 13.55 10.35 1.02
CA GLY A 436 13.05 10.81 -0.28
C GLY A 436 13.19 12.31 -0.39
N GLU A 437 14.05 12.76 -1.30
CA GLU A 437 14.42 14.20 -1.34
C GLU A 437 14.12 14.82 -2.69
N ASP A 438 13.36 15.90 -2.64
CA ASP A 438 12.91 16.65 -3.83
C ASP A 438 13.67 17.97 -4.02
N LYS A 439 14.40 18.50 -3.02
CA LYS A 439 14.87 19.91 -3.11
C LYS A 439 16.19 19.99 -3.89
N THR A 440 16.67 18.94 -4.55
CA THR A 440 17.82 19.05 -5.50
C THR A 440 17.31 19.18 -6.93
N ARG A 441 16.00 19.21 -7.17
CA ARG A 441 15.43 19.16 -8.55
C ARG A 441 15.99 20.36 -9.36
N GLY A 442 15.95 21.55 -8.75
CA GLY A 442 16.46 22.77 -9.39
C GLY A 442 15.75 23.05 -10.72
N ASP A 443 16.49 23.17 -11.82
CA ASP A 443 15.91 23.65 -13.10
C ASP A 443 15.50 22.43 -13.94
N LYS A 444 15.66 21.20 -13.46
CA LYS A 444 15.21 19.96 -14.18
C LYS A 444 16.12 19.60 -15.35
N VAL A 445 17.15 20.40 -15.60
CA VAL A 445 17.99 20.30 -16.83
C VAL A 445 19.45 20.12 -16.41
N ASN A 446 19.99 21.05 -15.64
CA ASN A 446 21.42 21.01 -15.20
C ASN A 446 21.54 20.28 -13.87
N VAL A 447 22.70 19.68 -13.62
CA VAL A 447 23.07 19.08 -12.30
C VAL A 447 22.97 20.18 -11.25
N THR A 448 22.17 19.99 -10.21
CA THR A 448 21.91 21.02 -9.18
C THR A 448 22.99 20.97 -8.09
N PRO A 449 23.68 22.09 -7.79
CA PRO A 449 24.54 22.13 -6.60
C PRO A 449 23.73 21.74 -5.36
N ILE A 450 24.24 20.83 -4.54
CA ILE A 450 23.48 20.31 -3.37
C ILE A 450 23.57 21.33 -2.24
N ASP A 451 22.46 21.73 -1.65
CA ASP A 451 22.43 22.48 -0.37
C ASP A 451 23.34 21.78 0.64
N PRO A 452 24.16 22.51 1.45
CA PRO A 452 25.10 21.89 2.38
C PRO A 452 24.44 20.99 3.43
N ASN A 453 23.26 21.38 3.88
CA ASN A 453 22.56 20.60 4.92
C ASN A 453 22.00 19.33 4.26
N ILE A 454 21.43 19.46 3.07
CA ILE A 454 20.92 18.27 2.33
C ILE A 454 22.12 17.33 2.11
N LEU A 455 23.27 17.87 1.69
CA LEU A 455 24.50 17.06 1.39
C LEU A 455 24.90 16.28 2.63
N GLU A 456 24.93 16.90 3.82
CA GLU A 456 25.30 16.18 5.10
C GLU A 456 24.22 15.13 5.41
N ILE A 457 22.95 15.41 5.11
CA ILE A 457 21.87 14.39 5.27
C ILE A 457 22.08 13.25 4.27
N PHE A 458 22.50 13.54 3.03
CA PHE A 458 22.78 12.45 2.05
C PHE A 458 23.97 11.57 2.51
N HIS A 459 24.92 12.11 3.28
CA HIS A 459 26.04 11.35 3.92
C HIS A 459 25.53 10.57 5.14
N THR A 460 24.45 10.99 5.78
CA THR A 460 23.93 10.36 7.02
C THR A 460 23.09 9.11 6.74
N VAL A 461 22.30 9.10 5.67
CA VAL A 461 21.48 7.91 5.28
C VAL A 461 22.40 6.95 4.53
N ASP A 462 21.99 5.69 4.41
CA ASP A 462 22.79 4.66 3.69
C ASP A 462 22.53 4.73 2.18
N VAL A 463 21.32 5.12 1.78
CA VAL A 463 20.90 5.07 0.35
C VAL A 463 20.09 6.34 0.05
N VAL A 464 20.45 7.02 -1.03
CA VAL A 464 19.90 8.36 -1.34
C VAL A 464 18.72 8.20 -2.32
N GLY A 465 17.51 8.57 -1.86
CA GLY A 465 16.31 8.61 -2.72
C GLY A 465 16.14 10.00 -3.33
N LEU A 466 16.17 10.10 -4.66
CA LEU A 466 15.83 11.37 -5.34
C LEU A 466 14.35 11.37 -5.79
N ASN A 467 13.63 12.45 -5.46
CA ASN A 467 12.27 12.76 -5.98
C ASN A 467 12.41 13.69 -7.19
N TYR A 468 11.91 13.26 -8.34
CA TYR A 468 11.68 14.10 -9.56
C TYR A 468 12.97 14.77 -10.01
N SER A 469 14.12 14.08 -9.93
CA SER A 469 15.43 14.78 -10.08
C SER A 469 16.34 14.06 -11.11
N GLU A 470 15.77 13.65 -12.26
CA GLU A 470 16.46 12.90 -13.35
C GLU A 470 17.73 13.62 -13.78
N ASN A 471 17.75 14.95 -13.68
CA ASN A 471 18.88 15.82 -14.12
C ASN A 471 20.12 15.55 -13.25
N ASN A 472 19.99 14.85 -12.11
CA ASN A 472 21.11 14.60 -11.19
C ASN A 472 21.57 13.13 -11.19
N TYR A 473 20.91 12.21 -11.89
CA TYR A 473 21.17 10.75 -11.77
C TYR A 473 22.64 10.44 -12.05
N VAL A 474 23.22 11.09 -13.05
CA VAL A 474 24.62 10.87 -13.50
C VAL A 474 25.56 11.77 -12.68
N GLY A 475 25.32 13.09 -12.66
CA GLY A 475 26.21 14.06 -11.97
C GLY A 475 26.49 13.69 -10.52
N TYR A 476 25.49 13.23 -9.75
CA TYR A 476 25.66 12.95 -8.31
C TYR A 476 26.46 11.66 -8.14
N HIS A 477 26.33 10.75 -9.09
CA HIS A 477 27.07 9.46 -9.08
C HIS A 477 28.56 9.71 -9.30
N GLU A 478 28.89 10.56 -10.28
CA GLU A 478 30.27 11.02 -10.61
C GLU A 478 30.87 11.84 -9.47
N GLN A 479 30.11 12.76 -8.87
CA GLN A 479 30.57 13.60 -7.74
C GLN A 479 30.66 12.80 -6.44
N HIS A 480 29.88 11.73 -6.26
CA HIS A 480 29.78 10.98 -4.97
C HIS A 480 29.79 9.50 -5.26
N PRO A 481 30.96 8.95 -5.65
CA PRO A 481 31.05 7.59 -6.20
C PRO A 481 30.74 6.47 -5.20
N ASN A 482 30.59 6.77 -3.92
CA ASN A 482 30.10 5.75 -2.96
C ASN A 482 28.59 5.86 -2.72
N TRP A 483 27.92 6.90 -3.21
CA TRP A 483 26.43 6.97 -3.07
C TRP A 483 25.72 5.83 -3.84
N LYS A 484 24.69 5.29 -3.18
CA LYS A 484 23.68 4.37 -3.71
C LYS A 484 22.40 5.18 -3.97
N LEU A 485 22.10 5.39 -5.25
CA LEU A 485 21.05 6.31 -5.74
C LEU A 485 19.90 5.46 -6.28
N TYR A 486 18.67 5.92 -6.01
CA TYR A 486 17.44 5.43 -6.66
C TYR A 486 16.43 6.60 -6.73
N GLY A 487 15.36 6.43 -7.50
CA GLY A 487 14.27 7.41 -7.60
C GLY A 487 13.19 7.06 -6.63
N SER A 488 13.18 7.72 -5.49
CA SER A 488 12.20 7.46 -4.41
C SER A 488 10.79 7.95 -4.85
N GLU A 489 10.71 8.84 -5.82
CA GLU A 489 9.39 9.34 -6.29
C GLU A 489 9.58 9.85 -7.70
N THR A 490 8.85 9.27 -8.67
CA THR A 490 9.01 9.65 -10.08
C THR A 490 7.70 9.81 -10.86
N SER A 491 7.82 10.55 -11.98
CA SER A 491 6.80 10.79 -13.03
C SER A 491 5.76 11.78 -12.54
N SER A 492 4.80 11.33 -11.73
CA SER A 492 3.59 12.09 -11.39
C SER A 492 2.86 12.54 -12.67
N ALA A 493 2.86 11.70 -13.71
CA ALA A 493 1.95 11.89 -14.85
C ALA A 493 0.53 11.64 -14.35
N THR A 494 -0.45 12.35 -14.94
CA THR A 494 -1.87 12.35 -14.50
C THR A 494 -2.71 11.85 -15.68
N ARG A 495 -3.69 11.00 -15.37
CA ARG A 495 -4.45 10.28 -16.41
C ARG A 495 -5.75 9.78 -15.84
N SER A 496 -6.76 9.74 -16.69
CA SER A 496 -8.12 9.27 -16.35
C SER A 496 -8.32 8.00 -17.18
N ARG A 497 -8.90 6.95 -16.57
CA ARG A 497 -9.20 5.69 -17.28
C ARG A 497 -10.15 5.93 -18.45
N GLY A 498 -9.75 5.57 -19.67
CA GLY A 498 -10.61 5.59 -20.87
C GLY A 498 -10.78 7.02 -21.44
N VAL A 499 -9.95 7.98 -21.05
CA VAL A 499 -10.03 9.37 -21.60
C VAL A 499 -8.84 9.63 -22.51
N TYR A 500 -9.10 10.07 -23.73
CA TYR A 500 -8.09 10.18 -24.81
C TYR A 500 -8.09 11.60 -25.40
N THR A 501 -7.61 12.58 -24.64
CA THR A 501 -7.76 14.03 -24.99
C THR A 501 -6.42 14.57 -25.47
N HIS A 502 -6.47 15.70 -26.19
CA HIS A 502 -5.33 16.48 -26.75
C HIS A 502 -4.24 15.50 -27.19
N PRO A 503 -4.58 14.55 -28.09
CA PRO A 503 -3.73 13.41 -28.38
C PRO A 503 -2.27 13.74 -28.70
N TYR A 504 -2.00 14.82 -29.44
CA TYR A 504 -0.64 15.17 -29.93
C TYR A 504 -0.05 16.31 -29.08
N GLU A 505 -0.73 16.76 -28.02
CA GLU A 505 -0.22 17.83 -27.13
C GLU A 505 0.24 17.21 -25.81
N TYR A 506 1.45 17.55 -25.39
CA TYR A 506 2.05 17.15 -24.10
C TYR A 506 1.92 18.35 -23.17
N ASN A 507 0.97 18.31 -22.23
CA ASN A 507 0.67 19.45 -21.34
C ASN A 507 1.17 19.21 -19.92
N LEU A 508 1.79 20.24 -19.33
CA LEU A 508 2.21 20.22 -17.89
C LEU A 508 1.17 20.91 -17.00
N GLY A 509 0.72 20.19 -15.99
CA GLY A 509 -0.18 20.70 -14.93
C GLY A 509 -1.34 21.48 -15.50
N THR A 510 -1.99 20.99 -16.54
CA THR A 510 -3.10 21.67 -17.26
C THR A 510 -4.46 21.10 -16.86
N LYS A 511 -5.41 21.98 -16.48
CA LYS A 511 -6.82 21.64 -16.18
C LYS A 511 -7.63 21.71 -17.47
N TYR A 512 -8.62 20.86 -17.62
CA TYR A 512 -9.58 20.91 -18.75
C TYR A 512 -10.98 21.01 -18.18
N ASP A 513 -11.94 21.41 -18.99
CA ASP A 513 -13.35 21.63 -18.58
C ASP A 513 -13.99 20.26 -18.27
N ASP A 514 -13.44 19.18 -18.79
CA ASP A 514 -13.96 17.81 -18.56
C ASP A 514 -13.59 17.33 -17.16
N LEU A 515 -12.67 18.00 -16.44
CA LEU A 515 -12.17 17.59 -15.09
C LEU A 515 -11.52 16.18 -15.18
N GLN A 516 -10.86 15.88 -16.30
CA GLN A 516 -10.14 14.61 -16.51
C GLN A 516 -8.72 14.92 -16.99
N GLN A 517 -7.90 13.89 -17.12
CA GLN A 517 -6.53 13.95 -17.66
C GLN A 517 -6.42 12.84 -18.71
N SER A 518 -5.49 12.95 -19.64
CA SER A 518 -5.45 12.09 -20.84
C SER A 518 -4.61 10.85 -20.57
N SER A 519 -5.00 9.75 -21.21
CA SER A 519 -4.32 8.43 -21.12
C SER A 519 -3.43 8.24 -22.36
N TYR A 520 -2.98 9.32 -22.99
CA TYR A 520 -1.90 9.21 -24.01
C TYR A 520 -0.51 9.55 -23.42
N ASP A 521 -0.32 9.39 -22.12
CA ASP A 521 0.94 9.70 -21.38
C ASP A 521 1.41 11.08 -21.78
N ASN A 522 0.50 12.05 -21.76
CA ASN A 522 0.70 13.41 -22.32
C ASN A 522 0.08 14.46 -21.39
N ASP A 523 -0.25 14.09 -20.15
CA ASP A 523 -0.55 15.04 -19.05
C ASP A 523 0.39 14.70 -17.89
N TYR A 524 1.11 15.69 -17.35
CA TYR A 524 1.94 15.42 -16.15
C TYR A 524 2.25 16.73 -15.44
N VAL A 525 2.57 16.64 -14.15
CA VAL A 525 2.69 17.81 -13.26
C VAL A 525 3.97 18.56 -13.64
N PRO A 526 4.01 19.89 -13.47
CA PRO A 526 5.19 20.66 -13.86
C PRO A 526 6.55 20.18 -13.28
N TRP A 527 6.56 19.50 -12.13
CA TRP A 527 7.82 19.04 -11.48
C TRP A 527 8.19 17.64 -11.97
N GLY A 528 7.34 17.04 -12.80
CA GLY A 528 7.37 15.60 -13.06
C GLY A 528 7.87 15.28 -14.46
N ARG A 529 7.45 14.12 -14.95
CA ARG A 529 7.78 13.66 -16.33
C ARG A 529 6.68 12.74 -16.82
N THR A 530 6.65 12.53 -18.11
CA THR A 530 5.90 11.39 -18.67
C THR A 530 6.42 10.08 -18.04
N ALA A 531 5.57 9.09 -17.98
CA ALA A 531 5.95 7.72 -17.58
C ALA A 531 7.17 7.33 -18.40
N GLU A 532 7.13 7.58 -19.71
CA GLU A 532 8.24 7.17 -20.59
C GLU A 532 9.51 7.89 -20.15
N ASP A 533 9.47 9.20 -19.92
CA ASP A 533 10.74 9.95 -19.75
C ASP A 533 11.31 9.56 -18.39
N ALA A 534 10.50 9.33 -17.36
CA ALA A 534 11.04 8.95 -16.04
C ALA A 534 11.73 7.57 -16.15
N TRP A 535 11.14 6.65 -16.90
CA TRP A 535 11.66 5.27 -17.09
C TRP A 535 12.96 5.30 -17.89
N LYS A 536 13.02 6.01 -19.01
CA LYS A 536 14.23 6.03 -19.89
C LYS A 536 15.46 6.47 -19.08
N SER A 537 15.29 7.47 -18.22
CA SER A 537 16.40 8.03 -17.39
C SER A 537 16.96 6.96 -16.44
N ASP A 538 16.11 6.02 -16.02
CA ASP A 538 16.43 4.95 -15.04
C ASP A 538 17.01 3.76 -15.82
N ARG A 539 16.26 3.29 -16.81
CA ARG A 539 16.62 2.18 -17.71
C ARG A 539 18.08 2.30 -18.18
N ASP A 540 18.52 3.50 -18.53
CA ASP A 540 19.81 3.74 -19.22
C ASP A 540 20.98 3.66 -18.22
N LEU A 541 20.77 3.52 -16.89
CA LEU A 541 21.87 3.68 -15.89
C LEU A 541 21.96 2.44 -15.00
N LYS A 542 23.06 1.70 -15.03
CA LYS A 542 23.16 0.46 -14.20
C LYS A 542 23.22 0.81 -12.70
N HIS A 543 23.89 1.90 -12.39
CA HIS A 543 24.19 2.33 -10.99
C HIS A 543 22.90 2.72 -10.26
N PHE A 544 21.87 3.09 -11.00
CA PHE A 544 20.64 3.68 -10.43
C PHE A 544 19.75 2.50 -10.11
N ALA A 545 19.41 2.29 -8.85
CA ALA A 545 18.83 0.99 -8.39
C ALA A 545 17.44 0.77 -9.00
N GLY A 546 16.68 1.85 -9.25
CA GLY A 546 15.39 1.78 -9.96
C GLY A 546 14.48 2.90 -9.47
N GLN A 547 13.16 2.77 -9.55
CA GLN A 547 12.32 3.95 -9.17
C GLN A 547 10.99 3.51 -8.61
N PHE A 548 10.33 4.46 -7.94
CA PHE A 548 9.00 4.29 -7.35
C PHE A 548 8.11 5.36 -7.98
N ILE A 549 7.23 4.96 -8.88
CA ILE A 549 6.40 5.95 -9.63
C ILE A 549 5.33 6.48 -8.66
N TRP A 550 4.99 7.73 -8.85
CA TRP A 550 3.84 8.34 -8.14
C TRP A 550 2.64 8.27 -9.12
N THR A 551 1.66 7.36 -8.98
CA THR A 551 1.56 6.29 -8.01
C THR A 551 1.13 4.99 -8.70
N GLY A 552 1.12 3.89 -7.95
CA GLY A 552 0.58 2.60 -8.44
C GLY A 552 -0.91 2.66 -8.59
N PHE A 553 -1.61 2.91 -7.48
CA PHE A 553 -3.07 3.06 -7.36
C PHE A 553 -3.38 4.56 -7.12
N ASP A 554 -4.45 5.02 -7.75
CA ASP A 554 -5.16 6.25 -7.33
C ASP A 554 -5.56 6.08 -5.88
N TYR A 555 -5.67 7.22 -5.21
CA TYR A 555 -6.07 7.32 -3.80
C TYR A 555 -7.02 8.53 -3.71
N ILE A 556 -7.69 8.64 -2.58
CA ILE A 556 -8.67 9.72 -2.32
C ILE A 556 -7.90 10.99 -1.95
N GLY A 557 -8.38 12.16 -2.40
CA GLY A 557 -7.71 13.44 -2.16
C GLY A 557 -6.74 13.75 -3.29
N GLU A 558 -5.90 14.77 -3.06
CA GLU A 558 -4.87 15.30 -3.99
C GLU A 558 -5.26 15.10 -5.46
N PRO A 559 -6.36 15.75 -5.93
CA PRO A 559 -6.75 15.72 -7.34
C PRO A 559 -5.97 16.65 -8.29
N THR A 560 -4.69 16.91 -7.98
CA THR A 560 -3.74 17.63 -8.84
C THR A 560 -3.91 17.13 -10.28
N PRO A 561 -4.01 18.02 -11.30
CA PRO A 561 -3.86 19.48 -11.17
C PRO A 561 -5.08 20.34 -10.85
N TYR A 562 -6.19 19.70 -10.46
CA TYR A 562 -7.48 20.34 -10.13
C TYR A 562 -7.48 20.77 -8.67
N TYR A 563 -6.66 21.78 -8.36
CA TYR A 563 -6.56 22.34 -6.98
C TYR A 563 -7.87 23.06 -6.72
N ASP A 564 -8.54 22.81 -5.60
CA ASP A 564 -9.74 23.60 -5.20
C ASP A 564 -10.74 23.70 -6.35
N SER A 565 -11.24 22.57 -6.82
CA SER A 565 -11.95 22.41 -8.11
C SER A 565 -12.99 21.29 -7.95
N TYR A 566 -13.65 21.30 -6.79
CA TYR A 566 -14.82 20.46 -6.48
C TYR A 566 -15.68 20.42 -7.74
N PRO A 567 -16.17 19.25 -8.24
CA PRO A 567 -16.06 17.97 -7.56
C PRO A 567 -14.84 17.05 -7.81
N ALA A 568 -13.78 17.52 -8.45
CA ALA A 568 -12.46 16.83 -8.47
C ALA A 568 -12.02 16.56 -7.03
N LYS A 569 -12.01 15.29 -6.59
CA LYS A 569 -11.84 14.94 -5.16
C LYS A 569 -10.82 13.81 -4.96
N SER A 570 -10.40 13.09 -5.98
CA SER A 570 -9.44 11.97 -5.83
C SER A 570 -8.43 12.03 -6.97
N SER A 571 -7.40 11.18 -6.91
CA SER A 571 -6.15 11.38 -7.68
C SER A 571 -6.31 10.93 -9.13
N TYR A 572 -5.39 11.42 -9.94
CA TYR A 572 -5.19 11.05 -11.35
C TYR A 572 -3.84 10.36 -11.55
N PHE A 573 -3.02 10.27 -10.50
CA PHE A 573 -1.61 9.79 -10.64
C PHE A 573 -1.50 8.28 -10.84
N GLY A 574 -2.51 7.49 -10.47
CA GLY A 574 -2.38 6.01 -10.45
C GLY A 574 -2.28 5.41 -11.85
N ALA A 575 -1.48 4.34 -12.01
CA ALA A 575 -1.51 3.45 -13.20
C ALA A 575 -2.84 2.68 -13.22
N VAL A 576 -3.45 2.54 -12.05
CA VAL A 576 -4.70 1.80 -11.83
C VAL A 576 -5.60 2.73 -11.00
N ASP A 577 -6.88 2.69 -11.28
CA ASP A 577 -7.87 3.64 -10.69
C ASP A 577 -8.25 3.12 -9.31
N THR A 578 -8.98 3.91 -8.51
CA THR A 578 -9.35 3.49 -7.13
C THR A 578 -10.14 2.17 -7.16
N ALA A 579 -10.83 1.86 -8.27
CA ALA A 579 -11.69 0.66 -8.31
C ALA A 579 -10.87 -0.59 -8.68
N GLY A 580 -9.56 -0.46 -8.90
CA GLY A 580 -8.68 -1.57 -9.31
C GLY A 580 -8.76 -1.82 -10.82
N PHE A 581 -9.29 -0.88 -11.59
CA PHE A 581 -9.36 -1.02 -13.06
C PHE A 581 -8.13 -0.35 -13.62
N PRO A 582 -7.30 -1.09 -14.40
CA PRO A 582 -6.14 -0.52 -15.05
C PRO A 582 -6.48 0.59 -16.03
N LYS A 583 -5.62 1.61 -16.04
CA LYS A 583 -5.58 2.61 -17.12
C LYS A 583 -4.63 2.06 -18.17
N ASP A 584 -4.63 2.67 -19.33
CA ASP A 584 -3.73 2.26 -20.45
C ASP A 584 -2.28 2.20 -19.98
N ILE A 585 -1.84 3.12 -19.10
CA ILE A 585 -0.40 3.17 -18.71
C ILE A 585 0.06 1.89 -17.98
N PHE A 586 -0.85 1.14 -17.35
CA PHE A 586 -0.61 -0.17 -16.72
C PHE A 586 0.09 -1.05 -17.75
N TYR A 587 -0.35 -1.00 -19.01
CA TYR A 587 0.14 -1.83 -20.14
C TYR A 587 1.47 -1.27 -20.61
N TYR A 588 1.67 0.06 -20.56
CA TYR A 588 3.00 0.63 -20.85
C TYR A 588 4.01 0.07 -19.84
N TYR A 589 3.71 0.09 -18.53
CA TYR A 589 4.65 -0.48 -17.51
C TYR A 589 4.87 -1.99 -17.78
N GLN A 590 3.83 -2.78 -18.09
CA GLN A 590 4.01 -4.22 -18.49
C GLN A 590 5.00 -4.32 -19.63
N SER A 591 4.89 -3.46 -20.64
CA SER A 591 5.74 -3.51 -21.85
C SER A 591 7.22 -3.24 -21.53
N GLN A 592 7.52 -2.45 -20.49
CA GLN A 592 8.91 -2.05 -20.14
C GLN A 592 9.51 -3.02 -19.11
N TRP A 593 8.67 -3.69 -18.32
CA TRP A 593 9.07 -4.32 -17.04
C TRP A 593 8.89 -5.83 -17.07
N LYS A 594 8.06 -6.39 -17.97
CA LYS A 594 7.71 -7.83 -18.01
C LYS A 594 8.29 -8.45 -19.27
N LYS A 595 8.62 -9.73 -19.19
CA LYS A 595 9.25 -10.54 -20.28
C LYS A 595 8.19 -11.22 -21.15
N GLU A 596 7.11 -11.72 -20.55
CA GLU A 596 5.98 -12.44 -21.22
C GLU A 596 5.45 -11.53 -22.33
N PRO A 597 5.44 -11.99 -23.60
CA PRO A 597 5.02 -11.15 -24.72
C PRO A 597 3.59 -10.60 -24.53
N MET A 598 3.42 -9.31 -24.79
CA MET A 598 2.08 -8.72 -24.67
C MET A 598 1.97 -7.60 -25.70
N VAL A 599 0.74 -7.21 -25.99
CA VAL A 599 0.45 -6.03 -26.84
C VAL A 599 -0.88 -5.46 -26.39
N HIS A 600 -0.93 -4.12 -26.30
CA HIS A 600 -2.11 -3.39 -25.81
C HIS A 600 -2.34 -2.17 -26.69
N LEU A 601 -3.53 -2.09 -27.27
CA LEU A 601 -3.93 -1.00 -28.17
C LEU A 601 -4.68 0.02 -27.33
N LEU A 602 -4.48 1.29 -27.66
CA LEU A 602 -5.36 2.41 -27.25
C LEU A 602 -5.47 3.29 -28.49
N PRO A 603 -6.56 4.10 -28.62
CA PRO A 603 -7.63 4.16 -27.62
C PRO A 603 -8.71 3.11 -27.88
N HIS A 604 -9.92 3.37 -27.42
CA HIS A 604 -11.16 2.66 -27.83
C HIS A 604 -11.43 2.89 -29.31
N TRP A 605 -12.47 2.24 -29.85
CA TRP A 605 -12.74 2.36 -31.31
C TRP A 605 -14.18 2.84 -31.58
N ASN A 606 -14.63 3.87 -30.85
CA ASN A 606 -15.94 4.56 -31.06
C ASN A 606 -15.67 6.02 -31.37
N TRP A 607 -15.43 6.35 -32.64
CA TRP A 607 -15.07 7.69 -33.12
C TRP A 607 -16.02 8.06 -34.25
N THR A 608 -15.65 9.00 -35.10
CA THR A 608 -16.50 9.50 -36.19
C THR A 608 -15.80 9.16 -37.50
N GLU A 609 -16.54 8.59 -38.46
CA GLU A 609 -15.94 8.10 -39.71
C GLU A 609 -15.01 9.16 -40.31
N GLY A 610 -13.78 8.79 -40.70
CA GLY A 610 -12.85 9.75 -41.35
C GLY A 610 -11.86 10.39 -40.38
N GLU A 611 -12.19 10.55 -39.10
CA GLU A 611 -11.31 11.26 -38.15
C GLU A 611 -9.99 10.48 -37.94
N PRO A 612 -8.83 11.15 -38.04
CA PRO A 612 -7.53 10.48 -37.91
C PRO A 612 -7.26 10.21 -36.42
N VAL A 613 -7.39 8.96 -35.99
CA VAL A 613 -7.21 8.58 -34.57
C VAL A 613 -5.73 8.34 -34.32
N ARG A 614 -5.18 8.92 -33.25
CA ARG A 614 -3.84 8.53 -32.76
C ARG A 614 -3.95 7.16 -32.08
N VAL A 615 -3.33 6.14 -32.68
CA VAL A 615 -3.39 4.73 -32.20
C VAL A 615 -2.03 4.39 -31.67
N LEU A 616 -1.93 3.95 -30.42
CA LEU A 616 -0.64 3.51 -29.90
C LEU A 616 -0.73 2.01 -29.59
N ALA A 617 0.41 1.30 -29.69
CA ALA A 617 0.58 -0.07 -29.17
C ALA A 617 1.66 -0.06 -28.09
N TYR A 618 1.30 -0.46 -26.89
CA TYR A 618 2.25 -0.74 -25.79
C TYR A 618 2.57 -2.23 -25.92
N THR A 619 3.82 -2.57 -26.18
CA THR A 619 4.25 -3.96 -26.44
C THR A 619 5.74 -4.12 -26.11
N ASN A 620 6.09 -5.33 -25.68
CA ASN A 620 7.50 -5.74 -25.53
C ASN A 620 7.89 -6.63 -26.72
N ALA A 621 7.07 -6.73 -27.78
CA ALA A 621 7.37 -7.47 -29.03
C ALA A 621 8.29 -6.64 -29.89
N HIS A 622 9.11 -7.26 -30.78
CA HIS A 622 9.98 -6.53 -31.75
C HIS A 622 9.15 -5.60 -32.66
N GLN A 623 8.00 -6.07 -33.09
CA GLN A 623 7.18 -5.32 -34.07
C GLN A 623 5.72 -5.69 -33.91
N VAL A 624 4.88 -4.82 -34.45
CA VAL A 624 3.43 -5.01 -34.49
C VAL A 624 2.91 -4.65 -35.88
N GLU A 625 1.96 -5.47 -36.33
CA GLU A 625 1.16 -5.14 -37.52
C GLU A 625 -0.26 -4.83 -37.06
N LEU A 626 -0.78 -3.71 -37.53
CA LEU A 626 -2.14 -3.25 -37.18
C LEU A 626 -3.09 -3.58 -38.34
N PHE A 627 -4.25 -4.11 -38.00
CA PHE A 627 -5.34 -4.51 -38.93
C PHE A 627 -6.61 -3.72 -38.58
N LEU A 628 -7.29 -3.25 -39.62
CA LEU A 628 -8.65 -2.63 -39.51
C LEU A 628 -9.61 -3.40 -40.42
N ASN A 629 -10.57 -4.09 -39.81
CA ASN A 629 -11.56 -4.93 -40.54
C ASN A 629 -10.79 -5.93 -41.45
N GLY A 630 -9.69 -6.49 -40.94
CA GLY A 630 -8.96 -7.60 -41.57
C GLY A 630 -7.89 -7.15 -42.55
N LYS A 631 -7.74 -5.85 -42.82
CA LYS A 631 -6.74 -5.34 -43.80
C LYS A 631 -5.62 -4.60 -43.07
N SER A 632 -4.38 -4.81 -43.50
CA SER A 632 -3.16 -4.30 -42.85
C SER A 632 -3.11 -2.77 -42.95
N LEU A 633 -2.73 -2.07 -41.88
CA LEU A 633 -2.44 -0.62 -41.94
C LEU A 633 -0.94 -0.38 -41.81
N GLY A 634 -0.14 -1.46 -41.82
CA GLY A 634 1.32 -1.33 -41.72
C GLY A 634 1.88 -1.94 -40.43
N VAL A 635 3.13 -2.34 -40.57
CA VAL A 635 4.02 -2.82 -39.51
C VAL A 635 4.66 -1.59 -38.87
N ARG A 636 4.74 -1.60 -37.56
CA ARG A 636 5.67 -0.70 -36.85
C ARG A 636 6.64 -1.57 -36.06
N GLY A 637 7.88 -1.12 -35.97
CA GLY A 637 8.97 -1.90 -35.37
C GLY A 637 9.83 -1.10 -34.41
N TYR A 638 10.37 -1.77 -33.42
CA TYR A 638 11.43 -1.21 -32.55
C TYR A 638 12.80 -1.55 -33.17
N GLU A 639 13.85 -0.87 -32.74
CA GLU A 639 15.24 -1.38 -32.79
C GLU A 639 15.52 -2.22 -31.54
N ASN A 640 16.22 -3.35 -31.69
CA ASN A 640 16.73 -4.14 -30.53
C ASN A 640 18.00 -3.43 -30.06
N LYS A 641 17.90 -2.57 -29.03
CA LYS A 641 19.00 -1.67 -28.61
C LYS A 641 19.70 -2.29 -27.41
N LYS A 642 20.81 -1.69 -26.97
CA LYS A 642 21.56 -2.15 -25.78
C LYS A 642 21.99 -0.92 -24.99
N THR A 643 21.82 -0.94 -23.67
CA THR A 643 22.38 0.10 -22.77
C THR A 643 23.90 0.03 -22.92
N SER A 644 24.61 0.98 -22.31
CA SER A 644 26.09 1.10 -22.37
C SER A 644 26.79 -0.13 -21.75
N TRP A 645 26.10 -0.98 -20.97
CA TRP A 645 26.69 -2.22 -20.43
C TRP A 645 26.04 -3.45 -21.06
N GLY A 646 25.24 -3.26 -22.11
CA GLY A 646 24.72 -4.34 -22.96
C GLY A 646 23.39 -4.93 -22.49
N ALA A 647 22.65 -4.28 -21.59
CA ALA A 647 21.28 -4.72 -21.25
C ALA A 647 20.39 -4.38 -22.45
N PRO A 648 19.61 -5.37 -22.94
CA PRO A 648 18.79 -5.19 -24.15
C PRO A 648 17.51 -4.42 -23.82
N TYR A 649 17.08 -3.53 -24.69
CA TYR A 649 15.73 -2.93 -24.57
C TYR A 649 15.19 -2.67 -25.96
N LYS A 650 13.88 -2.46 -26.06
CA LYS A 650 13.22 -2.12 -27.34
C LYS A 650 12.82 -0.64 -27.37
N GLU A 651 13.29 0.05 -28.40
CA GLU A 651 12.98 1.48 -28.66
C GLU A 651 13.06 1.75 -30.15
N THR A 652 12.27 2.70 -30.68
CA THR A 652 12.32 3.06 -32.11
C THR A 652 13.55 3.90 -32.41
N LYS A 653 13.91 4.01 -33.68
CA LYS A 653 15.02 4.89 -34.14
C LYS A 653 14.72 6.32 -33.68
N ASP A 654 13.45 6.69 -33.46
CA ASP A 654 13.08 8.05 -33.00
C ASP A 654 13.03 8.13 -31.46
N GLY A 655 13.39 7.08 -30.71
CA GLY A 655 13.52 7.18 -29.25
C GLY A 655 12.22 6.86 -28.51
N LYS A 656 11.20 6.33 -29.18
CA LYS A 656 9.88 6.01 -28.58
C LYS A 656 9.90 4.58 -28.03
N THR A 657 9.28 4.37 -26.87
CA THR A 657 9.15 3.07 -26.17
C THR A 657 7.76 2.49 -26.40
N TYR A 658 7.16 2.86 -27.52
CA TYR A 658 5.80 2.42 -27.92
C TYR A 658 5.70 2.57 -29.44
N LEU A 659 4.70 1.94 -30.03
CA LEU A 659 4.47 2.01 -31.49
C LEU A 659 3.20 2.84 -31.78
N GLU A 660 3.15 3.42 -32.98
CA GLU A 660 2.20 4.49 -33.33
C GLU A 660 1.81 4.42 -34.80
N TRP A 661 0.51 4.59 -35.04
CA TRP A 661 -0.17 4.78 -36.34
C TRP A 661 -1.10 5.99 -36.19
N ALA A 662 -1.39 6.64 -37.30
CA ALA A 662 -2.52 7.58 -37.46
C ALA A 662 -3.57 6.88 -38.33
N VAL A 663 -4.75 6.62 -37.82
CA VAL A 663 -5.73 5.77 -38.52
C VAL A 663 -6.99 6.58 -38.78
N PRO A 664 -7.34 6.84 -40.06
CA PRO A 664 -8.66 7.37 -40.42
C PRO A 664 -9.75 6.40 -39.92
N PHE A 665 -10.64 6.90 -39.08
CA PHE A 665 -11.60 6.02 -38.37
C PHE A 665 -12.57 5.35 -39.36
N LYS A 666 -12.69 4.02 -39.26
CA LYS A 666 -13.84 3.26 -39.84
C LYS A 666 -14.30 2.28 -38.78
N ALA A 667 -15.60 2.23 -38.53
CA ALA A 667 -16.17 1.32 -37.52
C ALA A 667 -15.75 -0.14 -37.82
N GLY A 668 -15.72 -0.97 -36.79
CA GLY A 668 -15.54 -2.43 -36.85
C GLY A 668 -14.45 -2.84 -35.87
N THR A 669 -13.42 -3.56 -36.34
CA THR A 669 -12.45 -4.21 -35.43
C THR A 669 -11.04 -3.74 -35.79
N LEU A 670 -10.31 -3.23 -34.78
CA LEU A 670 -8.89 -2.86 -34.89
C LEU A 670 -8.11 -3.95 -34.15
N GLU A 671 -7.18 -4.62 -34.84
CA GLU A 671 -6.38 -5.73 -34.26
C GLU A 671 -4.90 -5.47 -34.39
N ALA A 672 -4.20 -5.67 -33.28
CA ALA A 672 -2.74 -5.59 -33.19
C ALA A 672 -2.18 -7.02 -33.13
N VAL A 673 -1.29 -7.36 -34.06
CA VAL A 673 -0.58 -8.67 -34.08
C VAL A 673 0.88 -8.36 -33.76
N ALA A 674 1.35 -8.79 -32.60
CA ALA A 674 2.76 -8.58 -32.20
C ALA A 674 3.61 -9.75 -32.68
N MET A 675 4.78 -9.46 -33.24
CA MET A 675 5.65 -10.52 -33.80
C MET A 675 7.07 -10.31 -33.29
N ASP A 676 7.84 -11.40 -33.21
CA ASP A 676 9.30 -11.39 -32.92
C ASP A 676 10.04 -10.95 -34.18
N GLU A 677 11.36 -10.95 -34.10
CA GLU A 677 12.34 -10.45 -35.12
C GLU A 677 12.20 -11.31 -36.39
N ASN A 678 11.66 -12.53 -36.28
CA ASN A 678 11.51 -13.48 -37.41
C ASN A 678 10.09 -13.42 -38.00
N GLY A 679 9.24 -12.51 -37.54
CA GLY A 679 7.85 -12.37 -38.03
C GLY A 679 6.89 -13.38 -37.41
N LYS A 680 7.29 -14.15 -36.40
CA LYS A 680 6.36 -15.10 -35.74
C LYS A 680 5.47 -14.35 -34.75
N GLU A 681 4.18 -14.68 -34.76
CA GLU A 681 3.14 -13.99 -33.99
C GLU A 681 3.24 -14.46 -32.53
N ILE A 682 3.39 -13.54 -31.59
CA ILE A 682 3.64 -13.90 -30.16
C ILE A 682 2.54 -13.33 -29.26
N ALA A 683 1.71 -12.41 -29.77
CA ALA A 683 0.58 -11.88 -28.99
C ALA A 683 -0.34 -11.07 -29.90
N ARG A 684 -1.57 -10.90 -29.43
CA ARG A 684 -2.58 -10.15 -30.21
C ARG A 684 -3.49 -9.38 -29.25
N ASP A 685 -4.00 -8.25 -29.74
CA ASP A 685 -4.98 -7.45 -28.96
C ASP A 685 -6.00 -6.88 -29.93
N GLN A 686 -7.23 -6.68 -29.47
CA GLN A 686 -8.22 -6.06 -30.39
C GLN A 686 -9.16 -5.13 -29.63
N VAL A 687 -9.71 -4.16 -30.34
CA VAL A 687 -10.80 -3.25 -29.86
C VAL A 687 -11.86 -3.21 -30.95
N THR A 688 -13.11 -3.34 -30.55
CA THR A 688 -14.25 -3.32 -31.49
C THR A 688 -15.06 -2.06 -31.22
N THR A 689 -15.58 -1.44 -32.29
CA THR A 689 -16.60 -0.38 -32.17
C THR A 689 -17.81 -0.93 -31.43
N ALA A 690 -18.25 -0.32 -30.33
CA ALA A 690 -19.45 -0.78 -29.58
C ALA A 690 -20.69 -0.17 -30.22
N GLY A 691 -21.79 -0.94 -30.22
CA GLY A 691 -23.12 -0.49 -30.63
C GLY A 691 -23.87 0.14 -29.45
N ALA A 692 -25.15 0.40 -29.64
CA ALA A 692 -25.98 1.01 -28.57
C ALA A 692 -25.86 0.12 -27.33
N PRO A 693 -25.84 0.75 -26.13
CA PRO A 693 -25.89 0.03 -24.86
C PRO A 693 -27.09 -0.90 -24.81
N ALA A 694 -26.90 -2.11 -24.32
CA ALA A 694 -27.98 -3.12 -24.34
C ALA A 694 -28.08 -3.83 -22.99
N ALA A 695 -26.98 -4.04 -22.26
CA ALA A 695 -27.02 -4.86 -21.04
C ALA A 695 -25.97 -4.40 -20.01
N VAL A 696 -26.20 -4.79 -18.76
CA VAL A 696 -25.22 -4.72 -17.65
C VAL A 696 -24.68 -6.13 -17.51
N LYS A 697 -23.39 -6.27 -17.65
CA LYS A 697 -22.72 -7.57 -17.49
C LYS A 697 -21.94 -7.54 -16.18
N LEU A 698 -22.17 -8.50 -15.30
CA LEU A 698 -21.41 -8.70 -14.03
C LEU A 698 -20.35 -9.78 -14.20
N THR A 699 -19.17 -9.55 -13.62
CA THR A 699 -18.05 -10.54 -13.49
C THR A 699 -17.47 -10.43 -12.09
N ALA A 700 -17.52 -11.51 -11.30
CA ALA A 700 -16.87 -11.60 -9.98
C ALA A 700 -15.40 -11.96 -10.17
N ASP A 701 -14.48 -11.31 -9.45
CA ASP A 701 -13.07 -11.75 -9.51
C ASP A 701 -12.93 -13.13 -8.83
N ARG A 702 -13.66 -13.36 -7.74
CA ARG A 702 -13.69 -14.66 -6.99
C ARG A 702 -15.15 -15.05 -6.73
N LYS A 703 -15.58 -16.21 -7.24
CA LYS A 703 -16.99 -16.69 -7.09
C LYS A 703 -17.15 -17.45 -5.76
N VAL A 704 -16.04 -17.86 -5.13
CA VAL A 704 -16.01 -18.56 -3.81
C VAL A 704 -15.12 -17.75 -2.86
N ILE A 705 -15.68 -17.31 -1.75
CA ILE A 705 -14.98 -16.48 -0.73
C ILE A 705 -15.31 -17.13 0.63
N LYS A 706 -14.55 -16.77 1.68
CA LYS A 706 -14.74 -17.34 3.04
C LYS A 706 -15.89 -16.64 3.74
N ALA A 707 -16.71 -17.39 4.47
CA ALA A 707 -17.82 -16.86 5.28
C ALA A 707 -17.27 -16.39 6.63
N ASP A 708 -16.26 -15.51 6.64
CA ASP A 708 -15.59 -15.05 7.89
C ASP A 708 -16.01 -13.63 8.27
N GLY A 709 -16.93 -12.98 7.54
CA GLY A 709 -17.39 -11.62 7.86
C GLY A 709 -16.50 -10.51 7.29
N THR A 710 -15.37 -10.82 6.67
CA THR A 710 -14.42 -9.80 6.15
C THR A 710 -14.02 -10.07 4.70
N ASP A 711 -13.97 -11.32 4.24
CA ASP A 711 -13.59 -11.64 2.83
C ASP A 711 -14.55 -10.94 1.83
N LEU A 712 -14.03 -10.68 0.62
CA LEU A 712 -14.64 -9.78 -0.39
C LEU A 712 -14.58 -10.44 -1.75
N SER A 713 -15.64 -10.19 -2.51
CA SER A 713 -15.66 -10.44 -3.95
C SER A 713 -15.77 -9.09 -4.64
N PHE A 714 -14.91 -8.86 -5.61
CA PHE A 714 -14.89 -7.60 -6.40
C PHE A 714 -15.62 -7.86 -7.73
N ILE A 715 -16.78 -7.23 -7.87
CA ILE A 715 -17.68 -7.46 -9.04
C ILE A 715 -17.55 -6.31 -10.01
N THR A 716 -17.04 -6.57 -11.19
CA THR A 716 -17.05 -5.58 -12.30
C THR A 716 -18.43 -5.56 -12.94
N ALA A 717 -19.03 -4.35 -13.09
CA ALA A 717 -20.28 -4.10 -13.83
C ALA A 717 -19.93 -3.30 -15.08
N GLU A 718 -20.08 -3.92 -16.26
CA GLU A 718 -19.79 -3.27 -17.57
C GLU A 718 -21.12 -2.99 -18.27
N ILE A 719 -21.14 -1.90 -19.04
CA ILE A 719 -22.19 -1.63 -20.06
C ILE A 719 -21.70 -2.19 -21.39
N VAL A 720 -22.41 -3.19 -21.90
CA VAL A 720 -22.10 -3.83 -23.21
C VAL A 720 -23.25 -3.63 -24.21
N ASP A 721 -22.91 -3.64 -25.49
CA ASP A 721 -23.86 -3.59 -26.64
C ASP A 721 -24.45 -5.01 -26.80
N SER A 722 -25.25 -5.27 -27.83
CA SER A 722 -25.97 -6.55 -28.01
C SER A 722 -24.98 -7.69 -28.27
N LYS A 723 -23.75 -7.41 -28.66
CA LYS A 723 -22.75 -8.47 -28.92
C LYS A 723 -21.81 -8.62 -27.73
N GLY A 724 -22.05 -7.88 -26.64
CA GLY A 724 -21.20 -7.99 -25.43
C GLY A 724 -19.91 -7.19 -25.52
N ASN A 725 -19.72 -6.28 -26.48
CA ASN A 725 -18.59 -5.31 -26.50
C ASN A 725 -18.88 -4.21 -25.47
N VAL A 726 -17.87 -3.86 -24.65
CA VAL A 726 -18.00 -2.77 -23.65
C VAL A 726 -18.17 -1.45 -24.39
N VAL A 727 -19.10 -0.62 -23.95
CA VAL A 727 -19.35 0.73 -24.52
C VAL A 727 -18.38 1.69 -23.85
N PRO A 728 -17.31 2.13 -24.54
CA PRO A 728 -16.15 2.68 -23.85
C PRO A 728 -16.46 4.00 -23.12
N ASN A 729 -17.48 4.73 -23.55
CA ASN A 729 -17.80 6.03 -22.92
C ASN A 729 -19.06 5.89 -22.05
N ALA A 730 -19.61 4.70 -21.83
CA ALA A 730 -20.90 4.55 -21.08
C ALA A 730 -20.79 5.10 -19.65
N ASP A 731 -21.88 5.72 -19.16
CA ASP A 731 -21.96 6.35 -17.82
C ASP A 731 -23.29 6.00 -17.15
N HIS A 732 -23.97 4.95 -17.60
CA HIS A 732 -25.31 4.59 -17.09
C HIS A 732 -25.26 4.42 -15.58
N LEU A 733 -26.33 4.81 -14.88
CA LEU A 733 -26.51 4.51 -13.45
C LEU A 733 -26.85 3.03 -13.29
N ILE A 734 -26.05 2.30 -12.52
CA ILE A 734 -26.31 0.87 -12.19
C ILE A 734 -26.86 0.82 -10.77
N GLN A 735 -28.00 0.16 -10.61
CA GLN A 735 -28.66 -0.02 -9.29
C GLN A 735 -28.36 -1.46 -8.88
N PHE A 736 -27.72 -1.64 -7.72
CA PHE A 736 -27.31 -2.98 -7.21
C PHE A 736 -28.32 -3.42 -6.16
N HIS A 737 -28.75 -4.67 -6.26
CA HIS A 737 -29.60 -5.30 -5.24
C HIS A 737 -28.90 -6.59 -4.84
N LEU A 738 -28.52 -6.66 -3.57
CA LEU A 738 -27.81 -7.82 -3.01
C LEU A 738 -28.81 -8.57 -2.14
N SER A 739 -28.83 -9.88 -2.24
CA SER A 739 -29.58 -10.74 -1.29
C SER A 739 -28.64 -11.86 -0.89
N GLY A 740 -28.90 -12.52 0.24
CA GLY A 740 -28.11 -13.68 0.67
C GLY A 740 -27.19 -13.32 1.82
N HIS A 741 -26.18 -14.14 2.02
CA HIS A 741 -25.31 -14.17 3.23
C HIS A 741 -24.14 -13.20 3.03
N GLY A 742 -24.45 -11.91 2.90
CA GLY A 742 -23.46 -10.86 2.57
C GLY A 742 -24.03 -9.47 2.64
N GLU A 743 -23.18 -8.47 2.41
CA GLU A 743 -23.61 -7.06 2.25
C GLU A 743 -22.70 -6.40 1.21
N LEU A 744 -23.17 -5.27 0.71
CA LEU A 744 -22.40 -4.44 -0.23
C LEU A 744 -21.44 -3.57 0.58
N ALA A 745 -20.13 -3.82 0.55
CA ALA A 745 -19.18 -3.03 1.37
C ALA A 745 -18.91 -1.65 0.75
N GLY A 746 -19.17 -1.50 -0.55
CA GLY A 746 -18.94 -0.24 -1.28
C GLY A 746 -19.15 -0.35 -2.78
N VAL A 747 -19.19 0.80 -3.43
CA VAL A 747 -19.26 0.92 -4.91
C VAL A 747 -18.27 2.00 -5.36
N ASP A 748 -17.80 1.93 -6.59
CA ASP A 748 -16.78 2.86 -7.10
C ASP A 748 -16.77 2.80 -8.63
N ASN A 749 -16.13 3.77 -9.26
CA ASN A 749 -15.95 3.76 -10.73
C ASN A 749 -14.59 4.34 -11.08
N GLY A 750 -13.78 4.78 -10.10
CA GLY A 750 -12.46 5.36 -10.40
C GLY A 750 -12.52 6.79 -10.94
N ASP A 751 -13.70 7.41 -11.05
CA ASP A 751 -13.82 8.79 -11.62
C ASP A 751 -13.40 9.76 -10.53
N ALA A 752 -12.25 10.37 -10.72
CA ALA A 752 -11.65 11.37 -9.81
C ALA A 752 -12.64 12.54 -9.58
N ALA A 753 -13.47 12.85 -10.57
CA ALA A 753 -14.37 14.03 -10.52
C ALA A 753 -15.79 13.62 -10.18
N SER A 754 -15.99 12.42 -9.66
CA SER A 754 -17.33 12.02 -9.17
C SER A 754 -17.41 12.37 -7.69
N VAL A 755 -18.55 12.90 -7.25
CA VAL A 755 -18.89 12.96 -5.81
C VAL A 755 -20.08 12.05 -5.51
N GLU A 756 -20.30 11.01 -6.30
CA GLU A 756 -21.13 9.86 -5.87
C GLU A 756 -20.57 9.26 -4.57
N ARG A 757 -21.45 8.73 -3.74
CA ARG A 757 -21.10 8.04 -2.50
C ARG A 757 -20.36 6.75 -2.86
N TYR A 758 -19.36 6.42 -2.06
CA TYR A 758 -18.69 5.11 -2.05
C TYR A 758 -19.60 4.12 -1.30
N LYS A 759 -20.26 4.58 -0.26
CA LYS A 759 -21.06 3.70 0.64
C LYS A 759 -22.52 3.83 0.19
N ASP A 760 -22.91 3.06 -0.79
CA ASP A 760 -24.22 3.22 -1.45
C ASP A 760 -24.49 1.92 -2.18
N ASN A 761 -25.67 1.80 -2.79
CA ASN A 761 -26.08 0.57 -3.51
C ASN A 761 -26.32 0.90 -4.98
N LYS A 762 -25.72 1.98 -5.49
CA LYS A 762 -25.78 2.35 -6.92
C LYS A 762 -24.53 3.15 -7.30
N ARG A 763 -24.22 3.16 -8.58
CA ARG A 763 -23.01 3.86 -9.08
C ARG A 763 -23.13 4.00 -10.60
N LYS A 764 -22.73 5.15 -11.14
CA LYS A 764 -22.61 5.32 -12.60
C LYS A 764 -21.40 4.52 -13.09
N ALA A 765 -21.52 3.89 -14.23
CA ALA A 765 -20.35 3.41 -14.99
C ALA A 765 -19.51 4.62 -15.31
N PHE A 766 -18.20 4.44 -15.35
CA PHE A 766 -17.27 5.46 -15.87
C PHE A 766 -16.44 4.77 -16.94
N SER A 767 -16.37 5.35 -18.13
CA SER A 767 -15.71 4.72 -19.30
C SER A 767 -16.08 3.22 -19.31
N GLY A 768 -17.35 2.89 -19.09
CA GLY A 768 -17.91 1.58 -19.45
C GLY A 768 -18.10 0.69 -18.25
N LYS A 769 -17.55 1.05 -17.08
CA LYS A 769 -17.41 0.09 -15.94
C LYS A 769 -17.71 0.75 -14.59
N ALA A 770 -18.26 -0.03 -13.67
CA ALA A 770 -18.30 0.30 -12.24
C ALA A 770 -17.92 -0.96 -11.44
N LEU A 771 -17.74 -0.75 -10.14
CA LEU A 771 -17.34 -1.80 -9.18
C LEU A 771 -18.38 -1.88 -8.08
N ALA A 772 -18.75 -3.10 -7.72
CA ALA A 772 -19.43 -3.39 -6.46
C ALA A 772 -18.53 -4.30 -5.63
N ILE A 773 -18.33 -3.96 -4.36
CA ILE A 773 -17.55 -4.78 -3.40
C ILE A 773 -18.55 -5.53 -2.53
N VAL A 774 -18.53 -6.86 -2.61
CA VAL A 774 -19.41 -7.72 -1.78
C VAL A 774 -18.59 -8.31 -0.63
N GLN A 775 -19.13 -8.22 0.57
CA GLN A 775 -18.48 -8.77 1.78
C GLN A 775 -19.36 -9.90 2.33
N SER A 776 -18.74 -11.02 2.70
CA SER A 776 -19.38 -12.18 3.36
C SER A 776 -19.83 -11.83 4.79
N ASN A 777 -20.69 -12.65 5.40
CA ASN A 777 -20.92 -12.61 6.88
C ASN A 777 -20.40 -13.94 7.45
N LYS A 778 -20.75 -14.32 8.68
CA LYS A 778 -20.09 -15.47 9.37
C LYS A 778 -20.81 -16.78 9.03
N LEU A 779 -22.04 -16.70 8.50
CA LEU A 779 -22.86 -17.88 8.07
C LEU A 779 -22.55 -18.19 6.60
N ASP A 780 -22.22 -19.43 6.29
CA ASP A 780 -21.88 -19.84 4.90
C ASP A 780 -23.17 -19.80 4.07
N GLY A 781 -23.07 -20.03 2.76
CA GLY A 781 -24.24 -20.04 1.86
C GLY A 781 -23.99 -19.34 0.54
N ASN A 782 -24.93 -18.47 0.15
CA ASN A 782 -25.02 -17.88 -1.21
C ASN A 782 -25.22 -16.38 -1.07
N ILE A 783 -24.60 -15.61 -1.99
CA ILE A 783 -24.89 -14.16 -2.16
C ILE A 783 -25.32 -13.93 -3.61
N THR A 784 -26.42 -13.21 -3.81
CA THR A 784 -26.85 -12.84 -5.19
C THR A 784 -26.72 -11.34 -5.38
N LEU A 785 -26.00 -10.94 -6.42
CA LEU A 785 -25.98 -9.51 -6.82
C LEU A 785 -26.73 -9.35 -8.14
N HIS A 786 -27.76 -8.50 -8.10
CA HIS A 786 -28.59 -8.07 -9.25
C HIS A 786 -28.20 -6.62 -9.58
N ALA A 787 -27.91 -6.33 -10.84
CA ALA A 787 -27.52 -5.01 -11.34
C ALA A 787 -28.46 -4.64 -12.49
N SER A 788 -29.18 -3.53 -12.34
CA SER A 788 -30.12 -3.01 -13.36
C SER A 788 -29.71 -1.61 -13.74
N ALA A 789 -30.16 -1.15 -14.90
CA ALA A 789 -29.98 0.21 -15.44
C ALA A 789 -31.14 0.50 -16.38
N GLU A 790 -31.62 1.74 -16.38
CA GLU A 790 -32.80 2.20 -17.18
C GLU A 790 -32.56 1.86 -18.64
N GLY A 791 -33.52 1.13 -19.22
CA GLY A 791 -33.59 0.81 -20.65
C GLY A 791 -32.61 -0.28 -21.05
N LEU A 792 -31.91 -0.93 -20.12
CA LEU A 792 -30.98 -2.04 -20.47
C LEU A 792 -31.46 -3.34 -19.85
N SER A 793 -30.85 -4.43 -20.28
CA SER A 793 -31.07 -5.77 -19.71
C SER A 793 -30.17 -5.98 -18.46
N SER A 794 -30.73 -6.53 -17.39
CA SER A 794 -30.09 -6.62 -16.05
C SER A 794 -28.97 -7.66 -16.08
N GLY A 795 -28.05 -7.59 -15.12
CA GLY A 795 -26.95 -8.56 -14.91
C GLY A 795 -27.11 -9.20 -13.54
N ASN A 796 -26.58 -10.40 -13.37
CA ASN A 796 -26.78 -11.27 -12.18
C ASN A 796 -25.53 -12.11 -11.97
N VAL A 797 -25.13 -12.28 -10.72
CA VAL A 797 -23.98 -13.16 -10.37
C VAL A 797 -24.24 -13.69 -8.96
N THR A 798 -23.92 -14.98 -8.75
CA THR A 798 -24.01 -15.66 -7.42
C THR A 798 -22.58 -15.83 -6.85
N ILE A 799 -22.39 -15.43 -5.58
CA ILE A 799 -21.12 -15.69 -4.85
C ILE A 799 -21.41 -16.78 -3.82
N PHE A 800 -20.60 -17.83 -3.78
CA PHE A 800 -20.69 -18.95 -2.80
C PHE A 800 -19.73 -18.66 -1.62
N THR A 801 -20.22 -18.69 -0.38
CA THR A 801 -19.37 -18.48 0.83
C THR A 801 -19.19 -19.83 1.56
N THR A 802 -17.94 -20.24 1.85
CA THR A 802 -17.54 -21.47 2.60
C THR A 802 -17.09 -21.09 4.03
N ALA A 803 -17.37 -21.91 5.06
CA ALA A 803 -17.15 -21.60 6.50
C ALA A 803 -15.88 -22.30 7.01
C1 GLC B . 6.94 20.74 -5.21
C2 GLC B . 7.28 19.28 -4.82
C3 GLC B . 6.11 18.38 -5.12
C4 GLC B . 4.98 18.99 -4.33
C5 GLC B . 4.55 20.18 -5.16
C6 GLC B . 3.23 20.81 -4.72
O1 GLC B . 7.45 21.10 -6.47
O2 GLC B . 8.48 18.85 -5.43
O3 GLC B . 6.34 17.07 -4.66
O4 GLC B . 3.92 18.08 -4.01
O5 GLC B . 5.57 21.17 -5.12
O6 GLC B . 3.09 22.01 -5.49
C1 GAL C . 5.39 14.77 -4.06
C2 GAL C . 4.98 14.00 -2.80
C3 GAL C . 3.77 13.09 -2.95
C4 GAL C . 2.72 13.77 -3.83
C5 GAL C . 3.30 13.96 -5.22
C6 GAL C . 2.40 14.69 -6.23
O2 GAL C . 6.05 13.28 -2.23
O3 GAL C . 3.21 12.86 -1.66
O4 GAL C . 2.35 14.97 -3.23
O5 GAL C . 4.57 14.60 -5.22
O6 GAL C . 3.16 14.94 -7.41
C1 GAL D . 6.94 20.08 -5.95
C2 GAL D . 8.01 19.46 -5.10
C3 GAL D . 7.48 18.25 -4.45
C4 GAL D . 6.23 17.69 -5.09
C5 GAL D . 5.15 18.77 -5.07
C6 GAL D . 4.39 18.72 -3.76
O1 GAL D . 7.29 21.43 -6.21
O2 GAL D . 9.18 19.11 -5.79
O3 GAL D . 7.04 18.77 -3.22
O4 GAL D . 5.80 16.56 -4.33
O5 GAL D . 5.72 20.06 -5.22
O6 GAL D . 3.30 17.78 -3.83
#